data_9BH3
#
_entry.id   9BH3
#
_cell.length_a   138.667
_cell.length_b   141.394
_cell.length_c   109.405
_cell.angle_alpha   90.000
_cell.angle_beta   112.491
_cell.angle_gamma   90.000
#
_symmetry.space_group_name_H-M   'C 1 2 1'
#
loop_
_entity.id
_entity.type
_entity.pdbx_description
1 polymer 'DctP family TRAP transporter solute-binding subunit'
2 non-polymer 'ACETATE ION'
3 water water
#
_entity_poly.entity_id   1
_entity_poly.type   'polypeptide(L)'
_entity_poly.pdbx_seq_one_letter_code
;AEYDLKFGMNAGTSSNEYKAAEMFAKEVKEKSNGKIEISLYPSSQLGDDRAMLKQLKDGALDFTFAESARFQLFYPEAAV
FALPYVITNYEVAQKALHDTAFGKDLIQKMNKELGLTLLSQAYNGTRQTTSNRAINGIADMKGLKLRVPNAATNLAYAKY
VGASPTPMAFSEVYLALQTNSVDGQENPLATVQAQKFYEVQKYLAITNHILNDQLYLVSSETFADLPEDLQKVVKKAAQK
AAEYHTKLFVDGEKELVTFFEKQGVTVTHPDLTPFKDAMKPYYAEFVKQTGAKGEEVLKQIQAINK
;
_entity_poly.pdbx_strand_id   A,B,C,D
#
loop_
_chem_comp.id
_chem_comp.type
_chem_comp.name
_chem_comp.formula
ACT non-polymer 'ACETATE ION' 'C2 H3 O2 -1'
#
# COMPACT_ATOMS: atom_id res chain seq x y z
N ALA A 1 -23.15 46.83 7.04
CA ALA A 1 -22.07 45.91 6.69
C ALA A 1 -21.32 46.39 5.44
N GLU A 2 -20.24 47.14 5.63
CA GLU A 2 -19.54 47.77 4.52
C GLU A 2 -18.88 46.84 3.49
N TYR A 3 -18.29 45.71 3.91
CA TYR A 3 -17.81 44.72 2.97
C TYR A 3 -18.57 43.42 3.24
N ASP A 4 -19.34 42.97 2.25
CA ASP A 4 -20.08 41.71 2.37
C ASP A 4 -19.32 40.64 1.59
N LEU A 5 -18.54 39.81 2.30
CA LEU A 5 -17.61 38.91 1.65
C LEU A 5 -18.02 37.44 1.75
N LYS A 6 -17.50 36.63 0.81
CA LYS A 6 -17.88 35.22 0.69
C LYS A 6 -16.68 34.28 0.80
N PHE A 7 -16.88 33.21 1.58
CA PHE A 7 -15.92 32.13 1.79
C PHE A 7 -16.54 30.80 1.38
N GLY A 8 -16.00 30.18 0.32
CA GLY A 8 -16.45 28.86 -0.09
C GLY A 8 -15.45 27.76 0.30
N MET A 9 -15.98 26.55 0.54
CA MET A 9 -15.15 25.39 0.83
C MET A 9 -15.83 24.10 0.36
N ASN A 10 -15.06 23.01 0.29
CA ASN A 10 -15.61 21.69 0.02
C ASN A 10 -16.22 21.03 1.24
N ALA A 11 -15.67 21.28 2.43
CA ALA A 11 -16.06 20.58 3.62
C ALA A 11 -17.51 20.96 3.96
N GLY A 12 -18.15 20.07 4.74
CA GLY A 12 -19.54 20.24 5.13
C GLY A 12 -19.69 20.90 6.50
N THR A 13 -20.93 21.18 6.89
CA THR A 13 -21.15 21.97 8.08
C THR A 13 -20.77 21.28 9.39
N SER A 14 -20.59 19.95 9.40
CA SER A 14 -20.13 19.30 10.62
C SER A 14 -18.61 19.10 10.70
N SER A 15 -17.86 19.62 9.71
CA SER A 15 -16.42 19.43 9.69
C SER A 15 -15.70 20.41 10.63
N ASN A 16 -14.46 20.06 10.99
CA ASN A 16 -13.52 20.94 11.66
C ASN A 16 -13.28 22.20 10.84
N GLU A 17 -13.08 22.03 9.53
CA GLU A 17 -12.81 23.16 8.65
C GLU A 17 -13.91 24.21 8.77
N TYR A 18 -15.16 23.74 8.81
CA TYR A 18 -16.28 24.66 8.88
C TYR A 18 -16.32 25.40 10.20
N LYS A 19 -15.98 24.70 11.30
CA LYS A 19 -15.96 25.32 12.61
C LYS A 19 -14.89 26.40 12.64
N ALA A 20 -13.73 26.12 12.05
CA ALA A 20 -12.61 27.05 12.00
C ALA A 20 -13.00 28.29 11.22
N ALA A 21 -13.73 28.08 10.12
CA ALA A 21 -14.14 29.19 9.28
C ALA A 21 -15.26 30.00 9.92
N GLU A 22 -16.03 29.36 10.80
CA GLU A 22 -17.01 30.09 11.60
C GLU A 22 -16.32 31.01 12.58
N MET A 23 -15.24 30.52 13.22
CA MET A 23 -14.45 31.33 14.13
C MET A 23 -13.85 32.52 13.37
N PHE A 24 -13.24 32.26 12.21
CA PHE A 24 -12.72 33.29 11.34
C PHE A 24 -13.73 34.37 11.01
N ALA A 25 -14.94 33.99 10.63
CA ALA A 25 -15.97 34.95 10.29
C ALA A 25 -16.45 35.75 11.50
N LYS A 26 -16.56 35.09 12.64
CA LYS A 26 -16.94 35.75 13.88
C LYS A 26 -15.87 36.75 14.30
N GLU A 27 -14.62 36.31 14.28
CA GLU A 27 -13.49 37.14 14.67
C GLU A 27 -13.42 38.42 13.82
N VAL A 28 -13.52 38.27 12.49
CA VAL A 28 -13.44 39.39 11.57
C VAL A 28 -14.59 40.36 11.79
N LYS A 29 -15.80 39.83 12.04
CA LYS A 29 -16.95 40.70 12.28
C LYS A 29 -16.72 41.55 13.53
N GLU A 30 -16.33 40.90 14.63
CA GLU A 30 -16.09 41.56 15.89
C GLU A 30 -14.97 42.60 15.82
N LYS A 31 -13.78 42.14 15.40
CA LYS A 31 -12.59 42.97 15.39
C LYS A 31 -12.59 44.08 14.34
N SER A 32 -13.55 44.06 13.43
CA SER A 32 -13.71 45.11 12.43
C SER A 32 -14.90 46.00 12.74
N ASN A 33 -15.42 45.89 13.97
CA ASN A 33 -16.65 46.57 14.36
C ASN A 33 -17.75 46.50 13.29
N GLY A 34 -18.01 45.28 12.81
CA GLY A 34 -19.11 45.03 11.90
C GLY A 34 -18.94 45.61 10.49
N LYS A 35 -17.71 46.03 10.15
CA LYS A 35 -17.48 46.61 8.84
C LYS A 35 -17.41 45.49 7.80
N ILE A 36 -16.95 44.31 8.22
CA ILE A 36 -16.82 43.17 7.34
C ILE A 36 -17.68 42.01 7.85
N GLU A 37 -18.57 41.50 6.97
CA GLU A 37 -19.34 40.31 7.24
C GLU A 37 -18.92 39.20 6.29
N ILE A 38 -18.63 38.01 6.82
CA ILE A 38 -18.23 36.91 5.95
C ILE A 38 -19.25 35.78 5.92
N SER A 39 -19.89 35.57 4.76
CA SER A 39 -20.81 34.47 4.55
C SER A 39 -20.10 33.19 4.11
N LEU A 40 -20.48 32.05 4.72
CA LEU A 40 -19.92 30.77 4.38
C LEU A 40 -20.76 29.94 3.40
N TYR A 41 -20.07 29.39 2.38
CA TYR A 41 -20.66 28.54 1.36
C TYR A 41 -19.97 27.18 1.36
N PRO A 42 -20.44 26.24 2.19
CA PRO A 42 -19.86 24.90 2.31
C PRO A 42 -20.33 23.89 1.28
N SER A 43 -19.70 22.70 1.35
CA SER A 43 -20.10 21.56 0.54
C SER A 43 -20.08 21.87 -0.94
N SER A 44 -19.09 22.63 -1.39
CA SER A 44 -18.93 22.94 -2.80
C SER A 44 -20.14 23.56 -3.48
N GLN A 45 -20.96 24.28 -2.70
CA GLN A 45 -22.05 25.03 -3.29
C GLN A 45 -21.66 25.92 -4.46
N LEU A 46 -20.45 26.51 -4.40
CA LEU A 46 -20.04 27.49 -5.39
C LEU A 46 -19.11 26.91 -6.45
N GLY A 47 -19.00 25.57 -6.45
CA GLY A 47 -18.08 24.86 -7.33
C GLY A 47 -17.09 24.04 -6.54
N ASP A 48 -16.36 23.18 -7.26
CA ASP A 48 -15.22 22.46 -6.72
C ASP A 48 -14.03 23.40 -6.48
N ASP A 49 -12.98 22.88 -5.85
CA ASP A 49 -11.83 23.73 -5.55
C ASP A 49 -11.22 24.38 -6.80
N ARG A 50 -11.19 23.72 -7.96
CA ARG A 50 -10.66 24.36 -9.16
C ARG A 50 -11.48 25.61 -9.48
N ALA A 51 -12.82 25.47 -9.44
CA ALA A 51 -13.71 26.59 -9.75
C ALA A 51 -13.61 27.71 -8.71
N MET A 52 -13.36 27.36 -7.45
CA MET A 52 -13.32 28.35 -6.39
C MET A 52 -12.02 29.13 -6.47
N LEU A 53 -10.90 28.44 -6.74
CA LEU A 53 -9.63 29.12 -6.98
C LEU A 53 -9.74 30.10 -8.15
N LYS A 54 -10.44 29.69 -9.22
CA LYS A 54 -10.61 30.55 -10.37
C LYS A 54 -11.41 31.81 -10.03
N GLN A 55 -12.39 31.67 -9.12
CA GLN A 55 -13.22 32.80 -8.73
C GLN A 55 -12.46 33.80 -7.85
N LEU A 56 -11.54 33.30 -7.01
CA LEU A 56 -10.65 34.16 -6.23
C LEU A 56 -9.81 35.01 -7.18
N LYS A 57 -9.30 34.39 -8.23
CA LYS A 57 -8.50 35.08 -9.21
C LYS A 57 -9.23 36.28 -9.81
N ASP A 58 -10.50 36.12 -10.16
CA ASP A 58 -11.26 37.18 -10.81
C ASP A 58 -11.94 38.12 -9.83
N GLY A 59 -11.72 37.90 -8.52
CA GLY A 59 -12.36 38.68 -7.49
C GLY A 59 -13.84 38.45 -7.28
N ALA A 60 -14.38 37.34 -7.80
CA ALA A 60 -15.80 37.05 -7.66
C ALA A 60 -16.12 36.38 -6.31
N LEU A 61 -15.11 35.80 -5.69
CA LEU A 61 -15.27 35.13 -4.42
C LEU A 61 -14.04 35.50 -3.58
N ASP A 62 -14.25 35.77 -2.29
CA ASP A 62 -13.21 36.46 -1.53
C ASP A 62 -12.25 35.50 -0.84
N PHE A 63 -12.75 34.41 -0.25
CA PHE A 63 -11.92 33.46 0.47
C PHE A 63 -12.22 32.01 0.07
N THR A 64 -11.21 31.14 0.21
CA THR A 64 -11.43 29.70 0.13
C THR A 64 -10.30 28.93 0.82
N PHE A 65 -10.53 27.62 0.97
CA PHE A 65 -9.53 26.68 1.45
C PHE A 65 -8.90 25.91 0.30
N ALA A 66 -7.63 25.53 0.46
CA ALA A 66 -6.99 24.62 -0.47
C ALA A 66 -5.77 24.00 0.18
N GLU A 67 -5.44 22.77 -0.22
CA GLU A 67 -4.27 22.07 0.30
C GLU A 67 -3.09 22.58 -0.51
N SER A 68 -1.91 22.66 0.11
CA SER A 68 -0.70 22.95 -0.63
C SER A 68 -0.53 22.04 -1.85
N ALA A 69 -0.83 20.76 -1.66
CA ALA A 69 -0.63 19.76 -2.69
C ALA A 69 -1.56 19.96 -3.89
N ARG A 70 -2.67 20.68 -3.71
CA ARG A 70 -3.59 20.94 -4.81
C ARG A 70 -3.00 21.77 -5.95
N PHE A 71 -1.97 22.57 -5.62
CA PHE A 71 -1.35 23.40 -6.63
C PHE A 71 -0.56 22.57 -7.63
N GLN A 72 -0.50 21.24 -7.46
CA GLN A 72 0.07 20.37 -8.48
C GLN A 72 -0.71 20.47 -9.78
N LEU A 73 -2.00 20.82 -9.69
CA LEU A 73 -2.78 21.17 -10.85
C LEU A 73 -2.09 22.15 -11.79
N PHE A 74 -1.40 23.14 -11.23
CA PHE A 74 -0.77 24.21 -11.99
C PHE A 74 0.76 24.13 -12.04
N TYR A 75 1.37 23.64 -10.94
CA TYR A 75 2.81 23.52 -10.81
C TYR A 75 3.15 22.10 -10.35
N PRO A 76 3.50 21.18 -11.30
CA PRO A 76 3.70 19.76 -10.98
C PRO A 76 4.54 19.44 -9.75
N GLU A 77 5.57 20.27 -9.49
CA GLU A 77 6.48 20.02 -8.38
C GLU A 77 5.79 20.11 -7.02
N ALA A 78 4.60 20.73 -6.98
CA ALA A 78 3.88 20.84 -5.73
C ALA A 78 3.25 19.52 -5.29
N ALA A 79 3.26 18.51 -6.16
CA ALA A 79 2.83 17.19 -5.74
C ALA A 79 3.68 16.72 -4.57
N VAL A 80 4.89 17.28 -4.44
CA VAL A 80 5.81 16.84 -3.41
C VAL A 80 5.15 16.84 -2.04
N PHE A 81 4.21 17.77 -1.83
CA PHE A 81 3.59 17.92 -0.52
C PHE A 81 2.74 16.72 -0.09
N ALA A 82 2.22 15.97 -1.06
CA ALA A 82 1.33 14.83 -0.82
C ALA A 82 1.90 13.53 -1.35
N LEU A 83 3.20 13.49 -1.69
CA LEU A 83 3.81 12.24 -2.06
C LEU A 83 3.76 11.31 -0.86
N PRO A 84 3.10 10.14 -0.95
CA PRO A 84 2.92 9.33 0.24
C PRO A 84 4.23 9.07 0.97
N TYR A 85 4.16 9.22 2.28
CA TYR A 85 5.25 8.93 3.20
C TYR A 85 6.47 9.87 3.09
N VAL A 86 6.38 10.97 2.34
CA VAL A 86 7.51 11.89 2.27
C VAL A 86 7.47 12.87 3.42
N ILE A 87 6.36 13.60 3.56
CA ILE A 87 6.17 14.58 4.60
C ILE A 87 5.70 13.87 5.86
N THR A 88 6.64 13.65 6.77
CA THR A 88 6.45 12.77 7.91
C THR A 88 5.63 13.45 9.01
N ASN A 89 5.59 14.77 9.07
CA ASN A 89 4.79 15.44 10.09
C ASN A 89 4.52 16.92 9.78
N TYR A 90 3.68 17.55 10.62
CA TYR A 90 3.23 18.91 10.32
C TYR A 90 4.31 19.99 10.40
N GLU A 91 5.28 19.88 11.32
CA GLU A 91 6.40 20.81 11.33
C GLU A 91 7.06 20.84 9.94
N VAL A 92 7.16 19.68 9.29
CA VAL A 92 7.81 19.62 7.99
C VAL A 92 6.97 20.30 6.93
N ALA A 93 5.66 20.07 6.96
CA ALA A 93 4.77 20.70 5.99
C ALA A 93 4.89 22.22 6.07
N GLN A 94 4.99 22.75 7.29
CA GLN A 94 5.19 24.18 7.52
C GLN A 94 6.49 24.69 6.91
N LYS A 95 7.61 24.03 7.23
CA LYS A 95 8.92 24.41 6.70
C LYS A 95 9.03 24.22 5.19
N ALA A 96 8.45 23.15 4.67
CA ALA A 96 8.47 22.91 3.22
C ALA A 96 7.83 24.07 2.45
N LEU A 97 6.72 24.60 2.99
CA LEU A 97 6.04 25.69 2.33
C LEU A 97 6.69 27.05 2.60
N HIS A 98 7.16 27.30 3.83
CA HIS A 98 7.58 28.63 4.24
C HIS A 98 9.09 28.85 4.20
N ASP A 99 9.87 27.80 4.43
CA ASP A 99 11.31 27.93 4.63
C ASP A 99 12.18 27.26 3.55
N THR A 100 11.61 26.95 2.40
CA THR A 100 12.41 26.39 1.31
C THR A 100 12.35 27.40 0.17
N ALA A 101 13.33 27.33 -0.73
CA ALA A 101 13.30 28.18 -1.91
C ALA A 101 12.04 27.87 -2.73
N PHE A 102 11.85 26.56 -2.99
CA PHE A 102 10.69 26.07 -3.71
C PHE A 102 9.37 26.59 -3.14
N GLY A 103 9.22 26.55 -1.82
CA GLY A 103 8.01 27.01 -1.17
C GLY A 103 7.79 28.51 -1.33
N LYS A 104 8.84 29.29 -1.06
CA LYS A 104 8.77 30.73 -1.20
C LYS A 104 8.37 31.13 -2.62
N ASP A 105 8.94 30.44 -3.61
CA ASP A 105 8.61 30.71 -5.00
C ASP A 105 7.15 30.36 -5.31
N LEU A 106 6.67 29.26 -4.73
CA LEU A 106 5.29 28.83 -4.99
C LEU A 106 4.31 29.89 -4.47
N ILE A 107 4.58 30.43 -3.27
CA ILE A 107 3.73 31.48 -2.71
C ILE A 107 3.71 32.70 -3.63
N GLN A 108 4.86 33.03 -4.19
CA GLN A 108 4.96 34.17 -5.12
C GLN A 108 4.10 33.94 -6.36
N LYS A 109 4.17 32.74 -6.94
CA LYS A 109 3.40 32.44 -8.14
C LYS A 109 1.89 32.37 -7.85
N MET A 110 1.54 31.90 -6.65
CA MET A 110 0.15 31.89 -6.22
C MET A 110 -0.41 33.31 -6.36
N ASN A 111 0.38 34.31 -5.98
CA ASN A 111 -0.04 35.69 -6.10
C ASN A 111 0.09 36.25 -7.51
N LYS A 112 1.30 36.22 -8.09
CA LYS A 112 1.56 36.81 -9.40
C LYS A 112 0.71 36.17 -10.50
N GLU A 113 0.66 34.83 -10.53
CA GLU A 113 0.00 34.13 -11.61
C GLU A 113 -1.44 33.72 -11.30
N LEU A 114 -1.78 33.48 -10.03
CA LEU A 114 -3.11 32.96 -9.73
C LEU A 114 -4.02 33.88 -8.91
N GLY A 115 -3.53 35.05 -8.51
CA GLY A 115 -4.36 36.05 -7.84
C GLY A 115 -4.74 35.72 -6.39
N LEU A 116 -3.91 34.88 -5.76
CA LEU A 116 -4.19 34.36 -4.44
C LEU A 116 -3.21 34.92 -3.42
N THR A 117 -3.73 35.28 -2.24
CA THR A 117 -2.88 35.67 -1.14
C THR A 117 -3.04 34.66 -0.02
N LEU A 118 -1.91 34.10 0.43
CA LEU A 118 -1.82 33.20 1.55
C LEU A 118 -1.84 33.95 2.89
N LEU A 119 -2.82 33.67 3.73
CA LEU A 119 -2.94 34.32 5.03
C LEU A 119 -2.42 33.45 6.17
N SER A 120 -2.62 32.13 6.03
CA SER A 120 -2.20 31.18 7.06
C SER A 120 -2.39 29.72 6.63
N GLN A 121 -1.74 28.84 7.39
CA GLN A 121 -1.65 27.42 7.10
C GLN A 121 -2.10 26.67 8.36
N ALA A 122 -2.85 25.58 8.16
CA ALA A 122 -3.33 24.79 9.29
C ALA A 122 -3.14 23.30 9.02
N TYR A 123 -2.97 22.52 10.09
CA TYR A 123 -2.95 21.07 10.02
C TYR A 123 -4.37 20.55 9.76
N ASN A 124 -4.52 19.61 8.81
CA ASN A 124 -5.84 19.10 8.45
C ASN A 124 -5.89 17.57 8.48
N GLY A 125 -5.08 16.97 9.36
CA GLY A 125 -5.13 15.54 9.67
C GLY A 125 -4.17 14.72 8.83
N THR A 126 -3.71 13.59 9.39
CA THR A 126 -3.15 12.52 8.57
C THR A 126 -4.20 11.52 7.99
N ARG A 127 -4.08 11.25 6.70
CA ARG A 127 -4.97 10.32 6.03
C ARG A 127 -4.78 8.88 6.48
N GLN A 128 -5.92 8.23 6.79
CA GLN A 128 -5.99 6.79 7.06
C GLN A 128 -6.88 6.06 6.06
N THR A 129 -6.89 4.72 6.13
CA THR A 129 -7.62 3.89 5.19
C THR A 129 -8.72 3.09 5.89
N THR A 130 -9.97 3.29 5.45
CA THR A 130 -11.10 2.50 5.94
C THR A 130 -11.48 1.44 4.93
N SER A 131 -12.07 0.33 5.39
CA SER A 131 -12.45 -0.76 4.49
C SER A 131 -13.58 -1.65 5.03
N ASN A 132 -14.16 -2.46 4.14
CA ASN A 132 -15.07 -3.52 4.51
C ASN A 132 -14.38 -4.86 4.83
N ARG A 133 -13.06 -4.85 4.87
CA ARG A 133 -12.20 -6.00 5.10
C ARG A 133 -10.95 -5.53 5.84
N ALA A 134 -10.36 -6.39 6.66
CA ALA A 134 -9.22 -6.01 7.45
C ALA A 134 -7.99 -5.84 6.57
N ILE A 135 -7.24 -4.76 6.84
CA ILE A 135 -5.94 -4.54 6.25
C ILE A 135 -4.91 -4.76 7.34
N ASN A 136 -4.37 -5.98 7.42
CA ASN A 136 -3.34 -6.34 8.38
C ASN A 136 -1.94 -6.25 7.79
N GLY A 137 -1.87 -6.08 6.46
CA GLY A 137 -0.60 -5.94 5.77
C GLY A 137 -0.87 -5.44 4.37
N ILE A 138 0.17 -5.00 3.67
CA ILE A 138 0.00 -4.49 2.33
C ILE A 138 -0.68 -5.54 1.45
N ALA A 139 -0.43 -6.83 1.69
CA ALA A 139 -1.06 -7.86 0.87
C ALA A 139 -2.60 -7.69 0.77
N ASP A 140 -3.24 -7.34 1.89
CA ASP A 140 -4.69 -7.18 1.90
C ASP A 140 -5.25 -6.03 1.06
N MET A 141 -4.38 -5.13 0.57
CA MET A 141 -4.81 -4.04 -0.31
C MET A 141 -5.05 -4.52 -1.74
N LYS A 142 -4.49 -5.69 -2.10
CA LYS A 142 -4.59 -6.20 -3.47
C LYS A 142 -6.07 -6.24 -3.85
N GLY A 143 -6.43 -5.55 -4.93
CA GLY A 143 -7.77 -5.58 -5.46
C GLY A 143 -8.80 -4.72 -4.76
N LEU A 144 -8.41 -4.09 -3.65
CA LEU A 144 -9.35 -3.38 -2.80
C LEU A 144 -9.84 -2.24 -3.65
N LYS A 145 -11.16 -2.14 -3.87
CA LYS A 145 -11.71 -1.04 -4.64
C LYS A 145 -11.76 0.17 -3.71
N LEU A 146 -10.80 1.08 -3.89
CA LEU A 146 -10.51 2.11 -2.90
C LEU A 146 -10.89 3.48 -3.47
N ARG A 147 -11.92 4.08 -2.89
CA ARG A 147 -12.33 5.39 -3.37
C ARG A 147 -11.26 6.45 -3.06
N VAL A 148 -10.95 7.28 -4.06
CA VAL A 148 -10.05 8.39 -3.85
C VAL A 148 -10.62 9.66 -4.50
N PRO A 149 -10.23 10.86 -4.01
CA PRO A 149 -10.53 12.10 -4.72
C PRO A 149 -9.72 12.10 -6.00
N ASN A 150 -10.21 12.85 -6.99
CA ASN A 150 -9.55 12.93 -8.28
C ASN A 150 -8.36 13.88 -8.17
N ALA A 151 -7.25 13.32 -7.68
CA ALA A 151 -6.02 14.04 -7.44
C ALA A 151 -4.86 13.04 -7.57
N ALA A 152 -3.89 13.35 -8.45
CA ALA A 152 -2.90 12.36 -8.82
C ALA A 152 -2.20 11.67 -7.65
N THR A 153 -1.94 12.39 -6.55
CA THR A 153 -1.19 11.80 -5.45
C THR A 153 -2.03 10.75 -4.71
N ASN A 154 -3.33 10.96 -4.54
CA ASN A 154 -4.19 9.96 -3.91
C ASN A 154 -4.39 8.73 -4.79
N LEU A 155 -4.55 8.99 -6.09
CA LEU A 155 -4.61 7.92 -7.09
C LEU A 155 -3.38 7.04 -7.04
N ALA A 156 -2.22 7.68 -6.86
CA ALA A 156 -0.95 6.98 -6.83
C ALA A 156 -0.81 6.14 -5.56
N TYR A 157 -1.32 6.65 -4.42
CA TYR A 157 -1.30 5.88 -3.18
C TYR A 157 -1.98 4.55 -3.49
N ALA A 158 -3.22 4.65 -3.99
CA ALA A 158 -4.02 3.46 -4.26
C ALA A 158 -3.32 2.51 -5.23
N LYS A 159 -2.87 3.08 -6.36
CA LYS A 159 -2.29 2.27 -7.41
C LYS A 159 -1.04 1.52 -6.93
N TYR A 160 -0.10 2.20 -6.27
CA TYR A 160 1.19 1.62 -5.99
C TYR A 160 1.17 0.67 -4.80
N VAL A 161 0.12 0.73 -3.99
CA VAL A 161 -0.03 -0.23 -2.90
C VAL A 161 -0.74 -1.49 -3.38
N GLY A 162 -1.27 -1.46 -4.61
CA GLY A 162 -1.84 -2.63 -5.24
C GLY A 162 -3.36 -2.67 -5.25
N ALA A 163 -4.00 -1.55 -4.95
CA ALA A 163 -5.44 -1.45 -4.90
C ALA A 163 -5.94 -0.99 -6.27
N SER A 164 -7.26 -0.90 -6.42
CA SER A 164 -7.93 -0.43 -7.62
C SER A 164 -8.53 0.94 -7.35
N PRO A 165 -7.81 2.02 -7.72
CA PRO A 165 -8.26 3.37 -7.39
C PRO A 165 -9.60 3.64 -8.05
N THR A 166 -10.57 4.09 -7.27
CA THR A 166 -11.89 4.41 -7.82
C THR A 166 -12.17 5.88 -7.56
N PRO A 167 -11.92 6.80 -8.51
CA PRO A 167 -12.19 8.22 -8.25
C PRO A 167 -13.70 8.36 -8.16
N MET A 168 -14.17 9.18 -7.22
CA MET A 168 -15.60 9.34 -7.01
C MET A 168 -15.87 10.64 -6.26
N ALA A 169 -16.99 11.29 -6.63
CA ALA A 169 -17.44 12.52 -6.01
C ALA A 169 -17.83 12.28 -4.54
N PHE A 170 -17.28 13.12 -3.66
CA PHE A 170 -17.39 12.98 -2.21
C PHE A 170 -18.81 12.69 -1.73
N SER A 171 -19.78 13.46 -2.23
CA SER A 171 -21.19 13.27 -1.94
C SER A 171 -21.69 11.83 -1.96
N GLU A 172 -21.14 11.02 -2.87
CA GLU A 172 -21.70 9.72 -3.18
C GLU A 172 -21.06 8.57 -2.42
N VAL A 173 -19.93 8.87 -1.74
CA VAL A 173 -19.12 7.88 -1.06
C VAL A 173 -19.90 7.09 0.00
N TYR A 174 -20.65 7.82 0.85
CA TYR A 174 -21.39 7.19 1.92
C TYR A 174 -22.16 5.98 1.36
N LEU A 175 -22.88 6.20 0.25
CA LEU A 175 -23.80 5.22 -0.28
C LEU A 175 -23.08 4.03 -0.92
N ALA A 176 -22.00 4.35 -1.65
CA ALA A 176 -21.12 3.35 -2.24
C ALA A 176 -20.59 2.37 -1.21
N LEU A 177 -20.13 2.92 -0.07
CA LEU A 177 -19.59 2.11 1.01
C LEU A 177 -20.70 1.24 1.60
N GLN A 178 -21.86 1.85 1.83
CA GLN A 178 -22.99 1.16 2.44
C GLN A 178 -23.43 -0.04 1.62
N THR A 179 -23.43 0.11 0.29
CA THR A 179 -23.85 -0.94 -0.63
C THR A 179 -22.72 -1.88 -1.05
N ASN A 180 -21.51 -1.63 -0.55
CA ASN A 180 -20.28 -2.30 -0.97
C ASN A 180 -20.04 -2.26 -2.47
N SER A 181 -20.54 -1.20 -3.13
CA SER A 181 -20.14 -0.89 -4.49
C SER A 181 -18.64 -0.60 -4.55
N VAL A 182 -18.09 0.02 -3.50
CA VAL A 182 -16.66 0.20 -3.33
C VAL A 182 -16.27 -0.30 -1.95
N ASP A 183 -15.04 -0.80 -1.79
CA ASP A 183 -14.64 -1.49 -0.57
C ASP A 183 -14.09 -0.57 0.54
N GLY A 184 -13.72 0.67 0.19
CA GLY A 184 -13.04 1.54 1.14
C GLY A 184 -12.82 2.97 0.65
N GLN A 185 -12.29 3.81 1.53
CA GLN A 185 -11.89 5.16 1.17
C GLN A 185 -10.72 5.58 2.07
N GLU A 186 -10.16 6.76 1.80
CA GLU A 186 -9.02 7.19 2.59
C GLU A 186 -9.13 8.69 2.83
N ASN A 187 -9.00 9.06 4.10
CA ASN A 187 -9.32 10.40 4.56
C ASN A 187 -8.81 10.52 6.00
N PRO A 188 -8.65 11.73 6.56
CA PRO A 188 -8.28 11.84 7.97
C PRO A 188 -9.46 11.37 8.82
N LEU A 189 -9.16 10.92 10.05
CA LEU A 189 -10.17 10.47 10.99
C LEU A 189 -11.31 11.46 11.19
N ALA A 190 -10.98 12.74 11.23
CA ALA A 190 -11.97 13.78 11.45
C ALA A 190 -13.03 13.74 10.35
N THR A 191 -12.60 13.49 9.11
CA THR A 191 -13.53 13.43 7.99
C THR A 191 -14.40 12.17 8.05
N VAL A 192 -13.81 11.05 8.51
CA VAL A 192 -14.53 9.82 8.74
C VAL A 192 -15.67 10.04 9.72
N GLN A 193 -15.40 10.81 10.78
CA GLN A 193 -16.43 11.11 11.76
C GLN A 193 -17.46 12.08 11.21
N ALA A 194 -17.01 13.08 10.45
CA ALA A 194 -17.90 14.12 9.96
C ALA A 194 -18.87 13.53 8.94
N GLN A 195 -18.38 12.66 8.05
CA GLN A 195 -19.24 11.98 7.08
C GLN A 195 -19.87 10.69 7.59
N LYS A 196 -19.59 10.34 8.85
CA LYS A 196 -20.14 9.13 9.44
C LYS A 196 -19.86 7.84 8.65
N PHE A 197 -18.70 7.79 7.99
CA PHE A 197 -18.27 6.61 7.28
C PHE A 197 -18.07 5.44 8.23
N TYR A 198 -17.97 5.70 9.54
CA TYR A 198 -17.83 4.62 10.50
C TYR A 198 -19.11 3.78 10.62
N GLU A 199 -20.26 4.37 10.29
CA GLU A 199 -21.50 3.62 10.23
C GLU A 199 -21.45 2.50 9.20
N VAL A 200 -20.74 2.72 8.10
CA VAL A 200 -20.73 1.82 6.96
C VAL A 200 -19.33 1.29 6.58
N GLN A 201 -18.41 1.21 7.55
CA GLN A 201 -17.09 0.63 7.37
C GLN A 201 -16.71 -0.05 8.67
N LYS A 202 -16.34 -1.32 8.61
CA LYS A 202 -16.14 -2.12 9.80
C LYS A 202 -14.67 -2.09 10.21
N TYR A 203 -13.81 -1.62 9.30
CA TYR A 203 -12.39 -1.65 9.54
C TYR A 203 -11.74 -0.30 9.28
N LEU A 204 -10.77 0.02 10.16
CA LEU A 204 -9.92 1.19 10.04
C LEU A 204 -8.47 0.73 10.13
N ALA A 205 -7.66 1.16 9.16
CA ALA A 205 -6.23 0.86 9.15
C ALA A 205 -5.37 2.12 9.27
N ILE A 206 -4.42 2.11 10.21
CA ILE A 206 -3.53 3.24 10.38
C ILE A 206 -2.36 3.16 9.38
N THR A 207 -2.61 3.72 8.19
CA THR A 207 -1.65 3.71 7.09
C THR A 207 -0.75 4.95 7.06
N ASN A 208 -1.23 6.05 7.70
CA ASN A 208 -0.51 7.31 7.81
C ASN A 208 0.11 7.78 6.50
N HIS A 209 -0.61 7.66 5.39
CA HIS A 209 0.05 7.71 4.10
C HIS A 209 0.33 9.13 3.62
N ILE A 210 -0.51 10.07 4.00
CA ILE A 210 -0.44 11.42 3.47
C ILE A 210 -0.91 12.40 4.54
N LEU A 211 -0.20 13.52 4.68
CA LEU A 211 -0.55 14.55 5.66
C LEU A 211 -1.24 15.70 4.94
N ASN A 212 -2.39 16.15 5.46
CA ASN A 212 -3.10 17.25 4.87
C ASN A 212 -2.85 18.54 5.64
N ASP A 213 -2.63 19.63 4.89
CA ASP A 213 -2.70 20.96 5.45
C ASP A 213 -3.85 21.70 4.79
N GLN A 214 -4.16 22.90 5.28
CA GLN A 214 -5.19 23.71 4.67
C GLN A 214 -4.68 25.15 4.67
N LEU A 215 -4.74 25.80 3.50
CA LEU A 215 -4.29 27.16 3.35
C LEU A 215 -5.52 28.05 3.39
N TYR A 216 -5.49 29.07 4.27
CA TYR A 216 -6.49 30.13 4.26
C TYR A 216 -6.09 31.11 3.16
N LEU A 217 -6.92 31.19 2.10
CA LEU A 217 -6.59 31.99 0.94
C LEU A 217 -7.59 33.11 0.79
N VAL A 218 -7.10 34.27 0.33
CA VAL A 218 -7.96 35.39 0.00
C VAL A 218 -7.60 35.85 -1.41
N SER A 219 -8.62 36.28 -2.15
CA SER A 219 -8.43 36.95 -3.44
C SER A 219 -7.55 38.19 -3.26
N SER A 220 -6.48 38.28 -4.05
CA SER A 220 -5.57 39.42 -4.01
C SER A 220 -6.31 40.71 -4.36
N GLU A 221 -7.28 40.61 -5.28
CA GLU A 221 -8.08 41.76 -5.66
C GLU A 221 -8.86 42.21 -4.44
N THR A 222 -9.58 41.31 -3.77
CA THR A 222 -10.37 41.72 -2.62
C THR A 222 -9.50 42.34 -1.53
N PHE A 223 -8.34 41.74 -1.28
CA PHE A 223 -7.50 42.10 -0.15
C PHE A 223 -6.86 43.47 -0.37
N ALA A 224 -6.49 43.73 -1.62
CA ALA A 224 -5.92 45.01 -2.03
C ALA A 224 -6.94 46.14 -1.94
N ASP A 225 -8.22 45.82 -2.10
CA ASP A 225 -9.28 46.79 -2.01
C ASP A 225 -9.66 47.12 -0.56
N LEU A 226 -9.16 46.34 0.40
CA LEU A 226 -9.43 46.62 1.79
C LEU A 226 -8.46 47.69 2.31
N PRO A 227 -8.91 48.67 3.12
CA PRO A 227 -7.98 49.58 3.79
C PRO A 227 -7.02 48.81 4.71
N GLU A 228 -5.83 49.37 4.94
CA GLU A 228 -4.77 48.66 5.63
C GLU A 228 -5.14 48.17 7.02
N ASP A 229 -6.04 48.86 7.73
CA ASP A 229 -6.41 48.43 9.06
C ASP A 229 -7.31 47.19 9.03
N LEU A 230 -8.13 47.09 7.98
CA LEU A 230 -8.94 45.91 7.75
C LEU A 230 -8.11 44.73 7.22
N GLN A 231 -7.08 45.01 6.41
CA GLN A 231 -6.12 43.97 6.07
C GLN A 231 -5.52 43.31 7.31
N LYS A 232 -5.15 44.12 8.31
CA LYS A 232 -4.57 43.58 9.52
C LYS A 232 -5.57 42.74 10.30
N VAL A 233 -6.83 43.17 10.30
CA VAL A 233 -7.86 42.42 11.01
C VAL A 233 -7.96 41.03 10.40
N VAL A 234 -8.07 40.97 9.06
CA VAL A 234 -8.32 39.72 8.36
C VAL A 234 -7.12 38.80 8.53
N LYS A 235 -5.92 39.37 8.39
CA LYS A 235 -4.70 38.60 8.55
C LYS A 235 -4.59 38.00 9.95
N LYS A 236 -4.85 38.79 10.98
CA LYS A 236 -4.72 38.31 12.35
C LYS A 236 -5.80 37.27 12.67
N ALA A 237 -7.01 37.46 12.15
CA ALA A 237 -8.09 36.51 12.39
C ALA A 237 -7.80 35.17 11.72
N ALA A 238 -7.22 35.23 10.50
CA ALA A 238 -6.79 34.04 9.82
C ALA A 238 -5.74 33.26 10.61
N GLN A 239 -4.82 33.96 11.27
CA GLN A 239 -3.78 33.30 12.04
C GLN A 239 -4.39 32.63 13.26
N LYS A 240 -5.41 33.28 13.83
CA LYS A 240 -6.04 32.81 15.05
C LYS A 240 -6.89 31.59 14.72
N ALA A 241 -7.65 31.69 13.62
CA ALA A 241 -8.42 30.57 13.13
C ALA A 241 -7.53 29.36 12.82
N ALA A 242 -6.41 29.58 12.13
CA ALA A 242 -5.52 28.46 11.81
C ALA A 242 -4.96 27.76 13.05
N GLU A 243 -4.74 28.48 14.14
CA GLU A 243 -4.27 27.83 15.34
C GLU A 243 -5.38 26.93 15.90
N TYR A 244 -6.63 27.43 15.87
CA TYR A 244 -7.78 26.66 16.31
C TYR A 244 -7.98 25.43 15.44
N HIS A 245 -7.93 25.65 14.12
CA HIS A 245 -8.05 24.63 13.10
C HIS A 245 -7.09 23.49 13.39
N THR A 246 -5.81 23.83 13.56
CA THR A 246 -4.81 22.84 13.91
C THR A 246 -5.14 22.09 15.20
N LYS A 247 -5.63 22.81 16.20
CA LYS A 247 -5.85 22.19 17.49
C LYS A 247 -6.98 21.16 17.41
N LEU A 248 -8.01 21.47 16.60
CA LEU A 248 -9.13 20.56 16.44
C LEU A 248 -8.65 19.20 15.92
N PHE A 249 -7.77 19.23 14.91
CA PHE A 249 -7.27 17.99 14.34
C PHE A 249 -6.34 17.26 15.28
N VAL A 250 -5.49 17.99 16.00
CA VAL A 250 -4.52 17.34 16.86
C VAL A 250 -5.23 16.64 18.02
N ASP A 251 -6.17 17.37 18.65
CA ASP A 251 -6.99 16.86 19.76
C ASP A 251 -7.84 15.67 19.30
N GLY A 252 -8.57 15.85 18.18
CA GLY A 252 -9.31 14.76 17.54
C GLY A 252 -8.52 13.48 17.33
N GLU A 253 -7.25 13.61 16.95
CA GLU A 253 -6.45 12.44 16.66
C GLU A 253 -5.93 11.70 17.88
N LYS A 254 -6.18 12.16 19.12
CA LYS A 254 -5.89 11.33 20.28
C LYS A 254 -7.11 10.61 20.84
N GLU A 255 -8.29 10.81 20.23
CA GLU A 255 -9.57 10.39 20.76
C GLU A 255 -10.30 9.44 19.79
N LEU A 256 -10.18 9.77 18.51
CA LEU A 256 -11.11 9.27 17.52
C LEU A 256 -11.04 7.76 17.32
N VAL A 257 -9.86 7.18 17.44
CA VAL A 257 -9.68 5.75 17.32
C VAL A 257 -10.53 5.10 18.42
N THR A 258 -10.42 5.57 19.66
CA THR A 258 -11.28 5.06 20.71
C THR A 258 -12.76 5.22 20.39
N PHE A 259 -13.14 6.38 19.85
CA PHE A 259 -14.53 6.64 19.51
C PHE A 259 -15.06 5.62 18.51
N PHE A 260 -14.29 5.37 17.44
CA PHE A 260 -14.65 4.41 16.43
C PHE A 260 -14.75 2.99 16.98
N GLU A 261 -13.83 2.62 17.85
CA GLU A 261 -13.85 1.30 18.45
C GLU A 261 -15.11 1.17 19.29
N LYS A 262 -15.51 2.25 19.95
CA LYS A 262 -16.74 2.27 20.71
C LYS A 262 -17.93 2.00 19.79
N GLN A 263 -17.88 2.52 18.55
CA GLN A 263 -18.94 2.34 17.58
C GLN A 263 -18.89 1.03 16.81
N GLY A 264 -18.02 0.09 17.19
CA GLY A 264 -17.97 -1.20 16.53
C GLY A 264 -16.86 -1.42 15.49
N VAL A 265 -16.09 -0.37 15.16
CA VAL A 265 -15.01 -0.50 14.19
C VAL A 265 -13.83 -1.29 14.76
N THR A 266 -13.19 -2.10 13.92
CA THR A 266 -11.96 -2.83 14.26
C THR A 266 -10.76 -2.13 13.63
N VAL A 267 -9.74 -1.86 14.43
CA VAL A 267 -8.65 -0.98 14.05
C VAL A 267 -7.40 -1.82 13.87
N THR A 268 -6.74 -1.71 12.70
CA THR A 268 -5.48 -2.40 12.45
C THR A 268 -4.33 -1.41 12.31
N HIS A 269 -3.11 -1.93 12.55
CA HIS A 269 -1.88 -1.16 12.48
C HIS A 269 -0.92 -1.96 11.60
N PRO A 270 -1.17 -1.99 10.27
CA PRO A 270 -0.29 -2.73 9.37
C PRO A 270 1.12 -2.16 9.41
N ASP A 271 2.09 -3.04 9.12
CA ASP A 271 3.51 -2.71 9.01
C ASP A 271 3.67 -1.80 7.80
N LEU A 272 4.26 -0.62 8.03
CA LEU A 272 4.25 0.41 7.01
C LEU A 272 5.53 0.38 6.20
N THR A 273 6.52 -0.45 6.55
CA THR A 273 7.74 -0.43 5.77
C THR A 273 7.47 -1.03 4.39
N PRO A 274 6.66 -2.09 4.17
CA PRO A 274 6.20 -2.46 2.82
C PRO A 274 5.42 -1.39 2.06
N PHE A 275 4.59 -0.61 2.77
CA PHE A 275 3.93 0.55 2.18
C PHE A 275 4.92 1.62 1.68
N LYS A 276 5.87 2.02 2.53
CA LYS A 276 6.92 2.96 2.12
C LYS A 276 7.67 2.42 0.92
N ASP A 277 8.12 1.17 0.99
CA ASP A 277 8.84 0.55 -0.11
C ASP A 277 8.03 0.51 -1.41
N ALA A 278 6.73 0.35 -1.33
CA ALA A 278 5.89 0.38 -2.52
C ALA A 278 5.84 1.75 -3.20
N MET A 279 6.20 2.81 -2.49
CA MET A 279 6.16 4.15 -3.04
C MET A 279 7.42 4.53 -3.80
N LYS A 280 8.55 3.83 -3.57
CA LYS A 280 9.80 4.17 -4.22
C LYS A 280 9.61 4.38 -5.73
N PRO A 281 8.97 3.43 -6.45
CA PRO A 281 8.71 3.58 -7.88
C PRO A 281 7.86 4.79 -8.23
N TYR A 282 6.99 5.22 -7.31
CA TYR A 282 6.22 6.43 -7.53
C TYR A 282 7.10 7.68 -7.41
N TYR A 283 8.03 7.70 -6.45
CA TYR A 283 8.98 8.80 -6.33
C TYR A 283 9.78 8.89 -7.63
N ALA A 284 10.18 7.73 -8.17
CA ALA A 284 10.86 7.73 -9.45
C ALA A 284 10.03 8.36 -10.56
N GLU A 285 8.73 8.14 -10.53
CA GLU A 285 7.85 8.68 -11.56
C GLU A 285 7.73 10.19 -11.40
N PHE A 286 7.70 10.64 -10.15
CA PHE A 286 7.67 12.06 -9.84
C PHE A 286 8.88 12.78 -10.45
N VAL A 287 10.06 12.20 -10.26
CA VAL A 287 11.29 12.74 -10.78
C VAL A 287 11.31 12.67 -12.30
N LYS A 288 10.82 11.56 -12.86
CA LYS A 288 10.79 11.43 -14.30
C LYS A 288 9.95 12.57 -14.90
N GLN A 289 8.92 13.02 -14.17
CA GLN A 289 8.05 14.10 -14.62
C GLN A 289 8.59 15.49 -14.35
N THR A 290 9.20 15.70 -13.17
CA THR A 290 9.62 17.04 -12.77
C THR A 290 11.10 17.31 -13.01
N GLY A 291 11.86 16.28 -13.38
CA GLY A 291 13.25 16.41 -13.78
C GLY A 291 14.22 16.66 -12.62
N ALA A 292 15.41 17.20 -12.96
CA ALA A 292 16.42 17.49 -11.97
C ALA A 292 15.89 18.41 -10.87
N LYS A 293 15.03 19.37 -11.24
CA LYS A 293 14.50 20.30 -10.25
C LYS A 293 13.60 19.61 -9.23
N GLY A 294 12.79 18.66 -9.69
CA GLY A 294 11.94 17.91 -8.80
C GLY A 294 12.72 16.99 -7.87
N GLU A 295 13.80 16.40 -8.39
CA GLU A 295 14.67 15.57 -7.57
C GLU A 295 15.26 16.44 -6.46
N GLU A 296 15.80 17.60 -6.82
CA GLU A 296 16.35 18.54 -5.85
C GLU A 296 15.33 18.87 -4.76
N VAL A 297 14.10 19.24 -5.15
CA VAL A 297 13.05 19.54 -4.19
C VAL A 297 12.68 18.38 -3.26
N LEU A 298 12.66 17.16 -3.77
CA LEU A 298 12.31 16.01 -2.98
C LEU A 298 13.40 15.75 -1.94
N LYS A 299 14.67 15.85 -2.37
CA LYS A 299 15.81 15.71 -1.46
C LYS A 299 15.76 16.74 -0.33
N GLN A 300 15.43 17.98 -0.66
CA GLN A 300 15.43 19.06 0.31
C GLN A 300 14.36 18.78 1.36
N ILE A 301 13.17 18.32 0.94
CA ILE A 301 12.11 18.05 1.88
C ILE A 301 12.39 16.81 2.74
N GLN A 302 13.02 15.79 2.17
CA GLN A 302 13.39 14.62 2.93
C GLN A 302 14.51 14.93 3.92
N ALA A 303 15.29 15.96 3.61
CA ALA A 303 16.34 16.41 4.50
C ALA A 303 15.83 17.16 5.72
N ILE A 304 14.59 17.67 5.66
CA ILE A 304 14.04 18.43 6.77
C ILE A 304 13.66 17.45 7.88
N ASN A 305 14.37 17.62 9.03
CA ASN A 305 14.10 16.87 10.24
C ASN A 305 13.55 17.77 11.37
N LYS A 306 12.21 17.83 11.44
CA LYS A 306 11.45 18.63 12.39
C LYS A 306 11.81 20.16 12.30
N ALA B 1 40.99 14.43 34.44
CA ALA B 1 39.53 14.42 34.66
C ALA B 1 39.18 14.96 36.05
N GLU B 2 38.98 16.28 36.16
CA GLU B 2 38.89 16.93 37.46
C GLU B 2 37.68 16.55 38.31
N TYR B 3 36.49 16.38 37.74
CA TYR B 3 35.34 15.97 38.52
C TYR B 3 34.85 14.63 37.95
N ASP B 4 34.95 13.59 38.78
CA ASP B 4 34.57 12.24 38.38
C ASP B 4 33.21 11.92 39.00
N LEU B 5 32.13 12.10 38.22
CA LEU B 5 30.79 12.12 38.78
C LEU B 5 29.95 10.91 38.36
N LYS B 6 28.93 10.62 39.18
CA LYS B 6 28.11 9.44 39.01
C LYS B 6 26.63 9.78 38.84
N PHE B 7 26.01 9.12 37.86
CA PHE B 7 24.58 9.21 37.55
C PHE B 7 23.93 7.83 37.67
N GLY B 8 23.04 7.65 38.65
CA GLY B 8 22.29 6.40 38.79
C GLY B 8 20.84 6.53 38.32
N MET B 9 20.28 5.44 37.79
CA MET B 9 18.87 5.41 37.39
C MET B 9 18.28 4.01 37.55
N ASN B 10 16.93 3.92 37.51
CA ASN B 10 16.27 2.61 37.49
C ASN B 10 16.27 1.95 36.11
N ALA B 11 16.18 2.77 35.07
CA ALA B 11 16.04 2.28 33.72
C ALA B 11 17.29 1.52 33.33
N GLY B 12 17.18 0.61 32.36
CA GLY B 12 18.31 -0.19 31.91
C GLY B 12 18.93 0.37 30.63
N THR B 13 19.93 -0.35 30.12
CA THR B 13 20.75 0.24 29.07
C THR B 13 20.04 0.37 27.73
N SER B 14 18.93 -0.36 27.54
CA SER B 14 18.15 -0.26 26.32
C SER B 14 17.07 0.83 26.34
N SER B 15 16.93 1.54 27.46
CA SER B 15 15.90 2.54 27.58
C SER B 15 16.25 3.85 26.89
N ASN B 16 15.20 4.63 26.59
CA ASN B 16 15.30 6.01 26.19
C ASN B 16 16.04 6.85 27.24
N GLU B 17 15.70 6.64 28.51
CA GLU B 17 16.31 7.36 29.62
C GLU B 17 17.83 7.23 29.54
N TYR B 18 18.29 6.02 29.32
CA TYR B 18 19.72 5.77 29.26
C TYR B 18 20.38 6.46 28.07
N LYS B 19 19.70 6.46 26.92
CA LYS B 19 20.22 7.12 25.74
C LYS B 19 20.39 8.62 25.99
N ALA B 20 19.37 9.20 26.65
CA ALA B 20 19.35 10.61 26.95
C ALA B 20 20.49 10.96 27.90
N ALA B 21 20.73 10.09 28.87
CA ALA B 21 21.78 10.32 29.85
C ALA B 21 23.16 10.08 29.25
N GLU B 22 23.25 9.28 28.19
CA GLU B 22 24.50 9.17 27.45
C GLU B 22 24.83 10.47 26.74
N MET B 23 23.79 11.08 26.14
CA MET B 23 23.97 12.37 25.48
C MET B 23 24.39 13.44 26.50
N PHE B 24 23.70 13.48 27.65
CA PHE B 24 24.06 14.34 28.75
C PHE B 24 25.52 14.21 29.18
N ALA B 25 25.99 12.97 29.35
CA ALA B 25 27.37 12.75 29.73
C ALA B 25 28.37 13.16 28.66
N LYS B 26 28.03 12.91 27.39
CA LYS B 26 28.85 13.32 26.27
C LYS B 26 28.93 14.84 26.16
N GLU B 27 27.77 15.50 26.28
CA GLU B 27 27.69 16.94 26.17
C GLU B 27 28.54 17.64 27.24
N VAL B 28 28.41 17.16 28.49
CA VAL B 28 29.15 17.73 29.59
C VAL B 28 30.65 17.52 29.42
N LYS B 29 31.06 16.34 28.94
CA LYS B 29 32.46 16.08 28.70
C LYS B 29 33.04 17.06 27.68
N GLU B 30 32.36 17.20 26.54
CA GLU B 30 32.77 18.10 25.48
C GLU B 30 32.82 19.57 25.92
N LYS B 31 31.69 20.08 26.39
CA LYS B 31 31.53 21.49 26.73
C LYS B 31 32.32 21.93 27.96
N SER B 32 32.86 20.97 28.72
CA SER B 32 33.70 21.27 29.87
C SER B 32 35.17 21.02 29.57
N ASN B 33 35.51 20.85 28.29
CA ASN B 33 36.83 20.42 27.87
C ASN B 33 37.41 19.30 28.75
N GLY B 34 36.62 18.24 28.94
CA GLY B 34 37.07 17.05 29.64
C GLY B 34 37.28 17.19 31.14
N LYS B 35 36.79 18.30 31.72
CA LYS B 35 37.01 18.53 33.14
C LYS B 35 36.05 17.66 33.95
N ILE B 36 34.90 17.35 33.36
CA ILE B 36 33.88 16.53 34.01
C ILE B 36 33.63 15.26 33.22
N GLU B 37 33.75 14.12 33.91
CA GLU B 37 33.36 12.83 33.37
C GLU B 37 32.16 12.30 34.17
N ILE B 38 31.12 11.88 33.47
CA ILE B 38 29.95 11.31 34.14
C ILE B 38 29.80 9.84 33.81
N SER B 39 29.96 8.97 34.82
CA SER B 39 29.69 7.55 34.70
C SER B 39 28.23 7.21 35.00
N LEU B 40 27.64 6.35 34.16
CA LEU B 40 26.27 5.92 34.33
C LEU B 40 26.10 4.57 35.04
N TYR B 41 25.19 4.53 36.02
CA TYR B 41 24.87 3.35 36.82
C TYR B 41 23.40 3.00 36.70
N PRO B 42 23.05 2.23 35.64
CA PRO B 42 21.66 1.86 35.36
C PRO B 42 21.12 0.64 36.13
N SER B 43 19.83 0.38 35.92
CA SER B 43 19.17 -0.80 36.45
C SER B 43 19.29 -0.87 37.98
N SER B 44 19.19 0.27 38.65
CA SER B 44 19.24 0.33 40.10
C SER B 44 20.46 -0.31 40.74
N GLN B 45 21.58 -0.34 40.01
CA GLN B 45 22.83 -0.78 40.60
C GLN B 45 23.18 -0.10 41.92
N LEU B 46 22.87 1.19 42.08
CA LEU B 46 23.31 1.90 43.28
C LEU B 46 22.16 2.09 44.27
N GLY B 47 21.06 1.40 44.03
CA GLY B 47 19.91 1.42 44.92
C GLY B 47 18.64 1.78 44.15
N ASP B 48 17.51 1.65 44.83
CA ASP B 48 16.21 2.10 44.33
C ASP B 48 16.12 3.62 44.41
N ASP B 49 15.05 4.17 43.82
CA ASP B 49 14.68 5.57 43.98
C ASP B 49 15.00 6.23 45.32
N ARG B 50 14.46 5.62 46.38
CA ARG B 50 14.55 6.18 47.71
C ARG B 50 16.03 6.30 48.06
N ALA B 51 16.79 5.22 47.83
CA ALA B 51 18.21 5.20 48.19
C ALA B 51 19.03 6.18 47.35
N MET B 52 18.66 6.37 46.08
CA MET B 52 19.42 7.24 45.21
C MET B 52 19.17 8.70 45.57
N LEU B 53 17.90 9.04 45.85
CA LEU B 53 17.58 10.38 46.33
C LEU B 53 18.30 10.71 47.63
N LYS B 54 18.41 9.72 48.53
CA LYS B 54 19.09 9.91 49.79
C LYS B 54 20.59 10.15 49.59
N GLN B 55 21.18 9.52 48.57
CA GLN B 55 22.59 9.67 48.28
C GLN B 55 22.88 11.04 47.66
N LEU B 56 21.95 11.58 46.86
CA LEU B 56 22.08 12.94 46.34
C LEU B 56 22.12 13.91 47.51
N LYS B 57 21.26 13.70 48.49
CA LYS B 57 21.21 14.54 49.66
C LYS B 57 22.56 14.61 50.37
N ASP B 58 23.23 13.47 50.54
CA ASP B 58 24.49 13.42 51.27
C ASP B 58 25.71 13.68 50.39
N GLY B 59 25.48 14.00 49.10
CA GLY B 59 26.56 14.17 48.14
C GLY B 59 27.36 12.93 47.75
N ALA B 60 26.80 11.74 48.01
CA ALA B 60 27.46 10.48 47.69
C ALA B 60 27.27 10.10 46.22
N LEU B 61 26.23 10.64 45.61
CA LEU B 61 25.92 10.34 44.23
C LEU B 61 25.48 11.65 43.60
N ASP B 62 25.93 11.93 42.37
CA ASP B 62 25.83 13.28 41.86
C ASP B 62 24.53 13.55 41.12
N PHE B 63 24.09 12.60 40.28
CA PHE B 63 22.88 12.78 39.50
C PHE B 63 21.94 11.58 39.59
N THR B 64 20.64 11.83 39.40
CA THR B 64 19.67 10.76 39.20
C THR B 64 18.41 11.26 38.51
N PHE B 65 17.58 10.29 38.10
CA PHE B 65 16.25 10.57 37.58
C PHE B 65 15.16 10.36 38.63
N ALA B 66 14.06 11.10 38.52
CA ALA B 66 12.89 10.85 39.33
C ALA B 66 11.67 11.49 38.67
N GLU B 67 10.49 10.90 38.91
CA GLU B 67 9.25 11.50 38.43
C GLU B 67 8.85 12.59 39.41
N SER B 68 8.24 13.67 38.92
CA SER B 68 7.62 14.65 39.81
C SER B 68 6.73 14.00 40.86
N ALA B 69 5.93 13.01 40.44
CA ALA B 69 4.97 12.36 41.29
C ALA B 69 5.63 11.58 42.43
N ARG B 70 6.89 11.17 42.26
CA ARG B 70 7.59 10.43 43.31
C ARG B 70 7.82 11.23 44.60
N PHE B 71 7.79 12.56 44.51
CA PHE B 71 7.97 13.38 45.70
C PHE B 71 6.77 13.30 46.64
N GLN B 72 5.73 12.54 46.25
CA GLN B 72 4.63 12.27 47.18
C GLN B 72 5.11 11.49 48.39
N LEU B 73 6.19 10.72 48.22
CA LEU B 73 6.91 10.16 49.34
C LEU B 73 7.18 11.12 50.49
N PHE B 74 7.51 12.38 50.18
CA PHE B 74 7.85 13.38 51.16
C PHE B 74 6.80 14.48 51.34
N TYR B 75 6.13 14.83 50.23
CA TYR B 75 5.12 15.88 50.21
C TYR B 75 3.86 15.33 49.55
N PRO B 76 2.87 14.84 50.33
CA PRO B 76 1.71 14.15 49.76
C PRO B 76 1.00 14.85 48.60
N GLU B 77 0.96 16.19 48.60
CA GLU B 77 0.23 16.89 47.56
C GLU B 77 0.90 16.76 46.19
N ALA B 78 2.12 16.26 46.14
CA ALA B 78 2.77 16.00 44.86
C ALA B 78 2.21 14.80 44.12
N ALA B 79 1.36 14.00 44.80
CA ALA B 79 0.65 12.95 44.12
C ALA B 79 -0.18 13.52 42.98
N VAL B 80 -0.52 14.80 43.07
CA VAL B 80 -1.36 15.45 42.07
C VAL B 80 -0.83 15.19 40.66
N PHE B 81 0.49 15.07 40.52
CA PHE B 81 1.11 14.91 39.20
C PHE B 81 0.75 13.60 38.52
N ALA B 82 0.44 12.56 39.29
CA ALA B 82 0.11 11.24 38.77
C ALA B 82 -1.30 10.77 39.12
N LEU B 83 -2.17 11.70 39.56
CA LEU B 83 -3.56 11.32 39.76
C LEU B 83 -4.17 10.92 38.42
N PRO B 84 -4.62 9.68 38.21
CA PRO B 84 -5.03 9.24 36.88
C PRO B 84 -6.02 10.20 36.22
N TYR B 85 -5.74 10.49 34.96
CA TYR B 85 -6.59 11.33 34.11
C TYR B 85 -6.65 12.82 34.48
N VAL B 86 -5.82 13.31 35.41
CA VAL B 86 -5.85 14.72 35.74
C VAL B 86 -5.01 15.55 34.79
N ILE B 87 -3.73 15.17 34.66
CA ILE B 87 -2.80 15.86 33.79
C ILE B 87 -2.94 15.27 32.39
N THR B 88 -3.66 15.99 31.53
CA THR B 88 -4.10 15.44 30.26
C THR B 88 -2.98 15.37 29.23
N ASN B 89 -1.96 16.23 29.36
CA ASN B 89 -0.85 16.22 28.41
C ASN B 89 0.43 16.88 28.94
N TYR B 90 1.51 16.80 28.16
CA TYR B 90 2.82 17.22 28.65
C TYR B 90 2.98 18.72 28.89
N GLU B 91 2.36 19.56 28.06
CA GLU B 91 2.36 21.00 28.31
C GLU B 91 1.87 21.28 29.73
N VAL B 92 0.85 20.54 30.18
CA VAL B 92 0.31 20.76 31.51
C VAL B 92 1.28 20.32 32.60
N ALA B 93 1.92 19.17 32.40
CA ALA B 93 2.91 18.71 33.37
C ALA B 93 4.01 19.75 33.59
N GLN B 94 4.44 20.39 32.50
CA GLN B 94 5.44 21.44 32.53
C GLN B 94 4.99 22.65 33.33
N LYS B 95 3.80 23.17 33.00
CA LYS B 95 3.23 24.31 33.68
C LYS B 95 2.91 24.02 35.15
N ALA B 96 2.41 22.83 35.43
CA ALA B 96 2.10 22.46 36.81
C ALA B 96 3.34 22.56 37.69
N LEU B 97 4.49 22.11 37.17
CA LEU B 97 5.72 22.18 37.94
C LEU B 97 6.35 23.57 37.97
N HIS B 98 6.33 24.29 36.84
CA HIS B 98 7.12 25.51 36.71
C HIS B 98 6.32 26.79 36.94
N ASP B 99 5.02 26.78 36.60
CA ASP B 99 4.21 27.99 36.53
C ASP B 99 3.08 28.05 37.54
N THR B 100 3.12 27.22 38.60
CA THR B 100 2.12 27.30 39.65
C THR B 100 2.88 27.68 40.91
N ALA B 101 2.16 28.25 41.89
CA ALA B 101 2.76 28.52 43.19
C ALA B 101 3.22 27.21 43.82
N PHE B 102 2.31 26.23 43.84
CA PHE B 102 2.61 24.91 44.36
C PHE B 102 3.89 24.30 43.78
N GLY B 103 4.04 24.38 42.46
CA GLY B 103 5.22 23.84 41.79
C GLY B 103 6.51 24.56 42.18
N LYS B 104 6.48 25.90 42.15
CA LYS B 104 7.63 26.70 42.52
C LYS B 104 8.08 26.38 43.94
N ASP B 105 7.10 26.22 44.83
CA ASP B 105 7.40 25.88 46.22
C ASP B 105 8.03 24.49 46.35
N LEU B 106 7.52 23.55 45.55
CA LEU B 106 8.05 22.19 45.58
C LEU B 106 9.53 22.16 45.18
N ILE B 107 9.87 22.89 44.11
CA ILE B 107 11.25 22.97 43.67
C ILE B 107 12.14 23.53 44.78
N GLN B 108 11.65 24.55 45.50
CA GLN B 108 12.39 25.15 46.58
C GLN B 108 12.65 24.14 47.70
N LYS B 109 11.62 23.37 48.08
CA LYS B 109 11.77 22.39 49.15
C LYS B 109 12.69 21.23 48.73
N MET B 110 12.63 20.86 47.45
CA MET B 110 13.51 19.85 46.91
C MET B 110 14.94 20.24 47.26
N ASN B 111 15.26 21.52 47.10
CA ASN B 111 16.60 22.01 47.40
C ASN B 111 16.85 22.21 48.89
N LYS B 112 16.04 23.03 49.55
CA LYS B 112 16.25 23.36 50.95
C LYS B 112 16.17 22.15 51.87
N GLU B 113 15.15 21.32 51.68
CA GLU B 113 14.91 20.20 52.59
C GLU B 113 15.49 18.87 52.09
N LEU B 114 15.61 18.67 50.77
CA LEU B 114 16.06 17.37 50.29
C LEU B 114 17.40 17.33 49.56
N GLY B 115 18.04 18.50 49.40
CA GLY B 115 19.38 18.54 48.83
C GLY B 115 19.45 18.29 47.33
N LEU B 116 18.35 18.53 46.63
CA LEU B 116 18.23 18.23 45.22
C LEU B 116 18.12 19.53 44.41
N THR B 117 18.82 19.59 43.27
CA THR B 117 18.67 20.71 42.36
C THR B 117 18.08 20.19 41.04
N LEU B 118 16.97 20.80 40.63
CA LEU B 118 16.30 20.49 39.39
C LEU B 118 16.96 21.19 38.20
N LEU B 119 17.46 20.42 37.23
CA LEU B 119 18.11 20.98 36.06
C LEU B 119 17.18 21.09 34.85
N SER B 120 16.27 20.11 34.74
CA SER B 120 15.35 20.05 33.63
C SER B 120 14.33 18.91 33.77
N GLN B 121 13.30 19.00 32.93
CA GLN B 121 12.16 18.13 32.94
C GLN B 121 11.97 17.58 31.54
N ALA B 122 11.62 16.30 31.45
CA ALA B 122 11.41 15.65 30.16
C ALA B 122 10.13 14.82 30.17
N TYR B 123 9.51 14.65 28.99
CA TYR B 123 8.39 13.73 28.83
C TYR B 123 8.90 12.29 28.86
N ASN B 124 8.23 11.41 29.62
CA ASN B 124 8.66 10.02 29.76
C ASN B 124 7.53 9.02 29.47
N GLY B 125 6.62 9.42 28.57
CA GLY B 125 5.58 8.54 28.06
C GLY B 125 4.28 8.62 28.84
N THR B 126 3.18 8.34 28.15
CA THR B 126 1.92 7.98 28.78
C THR B 126 1.79 6.49 29.09
N ARG B 127 1.39 6.19 30.33
CA ARG B 127 1.22 4.83 30.79
C ARG B 127 0.04 4.14 30.12
N GLN B 128 0.29 2.93 29.60
CA GLN B 128 -0.73 2.01 29.09
C GLN B 128 -0.78 0.71 29.89
N THR B 129 -1.79 -0.13 29.60
CA THR B 129 -2.00 -1.36 30.34
C THR B 129 -1.85 -2.59 29.44
N THR B 130 -0.91 -3.48 29.80
CA THR B 130 -0.70 -4.73 29.08
C THR B 130 -1.30 -5.87 29.90
N SER B 131 -1.66 -6.96 29.21
CA SER B 131 -2.28 -8.10 29.86
C SER B 131 -2.10 -9.40 29.10
N ASN B 132 -2.37 -10.50 29.80
CA ASN B 132 -2.46 -11.82 29.18
C ASN B 132 -3.88 -12.16 28.67
N ARG B 133 -4.81 -11.19 28.76
CA ARG B 133 -6.14 -11.29 28.18
C ARG B 133 -6.72 -9.90 27.88
N ALA B 134 -7.71 -9.85 27.00
CA ALA B 134 -8.14 -8.58 26.41
C ALA B 134 -8.89 -7.73 27.41
N ILE B 135 -8.56 -6.43 27.42
CA ILE B 135 -9.32 -5.41 28.11
C ILE B 135 -10.05 -4.56 27.08
N ASN B 136 -11.34 -4.84 26.88
CA ASN B 136 -12.15 -4.10 25.92
C ASN B 136 -13.00 -3.00 26.59
N GLY B 137 -13.00 -3.00 27.91
CA GLY B 137 -13.81 -2.08 28.68
C GLY B 137 -13.42 -2.19 30.16
N ILE B 138 -13.84 -1.20 30.96
CA ILE B 138 -13.48 -1.21 32.36
C ILE B 138 -13.86 -2.54 33.03
N ALA B 139 -14.99 -3.14 32.61
CA ALA B 139 -15.46 -4.36 33.25
C ALA B 139 -14.38 -5.44 33.29
N ASP B 140 -13.62 -5.56 32.20
CA ASP B 140 -12.63 -6.62 32.07
C ASP B 140 -11.44 -6.50 33.02
N MET B 141 -11.28 -5.36 33.70
CA MET B 141 -10.21 -5.20 34.68
C MET B 141 -10.49 -5.97 35.98
N LYS B 142 -11.76 -6.30 36.23
CA LYS B 142 -12.10 -7.08 37.41
C LYS B 142 -11.28 -8.37 37.39
N GLY B 143 -10.55 -8.64 38.46
CA GLY B 143 -9.82 -9.90 38.55
C GLY B 143 -8.40 -9.81 38.03
N LEU B 144 -8.10 -8.79 37.23
CA LEU B 144 -6.78 -8.71 36.62
C LEU B 144 -5.76 -8.50 37.71
N LYS B 145 -4.84 -9.45 37.88
CA LYS B 145 -3.73 -9.27 38.81
C LYS B 145 -2.70 -8.37 38.12
N LEU B 146 -2.68 -7.09 38.51
CA LEU B 146 -1.99 -6.07 37.76
C LEU B 146 -0.77 -5.58 38.53
N ARG B 147 0.41 -5.85 37.98
CA ARG B 147 1.62 -5.42 38.63
C ARG B 147 1.72 -3.90 38.58
N VAL B 148 2.06 -3.30 39.72
CA VAL B 148 2.31 -1.87 39.78
C VAL B 148 3.58 -1.62 40.57
N PRO B 149 4.27 -0.48 40.34
CA PRO B 149 5.36 -0.08 41.22
C PRO B 149 4.74 0.24 42.58
N ASN B 150 5.56 0.17 43.63
CA ASN B 150 5.10 0.55 44.97
C ASN B 150 5.04 2.07 45.08
N ALA B 151 3.91 2.61 44.60
CA ALA B 151 3.64 4.04 44.56
C ALA B 151 2.13 4.24 44.62
N ALA B 152 1.65 4.98 45.62
CA ALA B 152 0.24 5.14 45.88
C ALA B 152 -0.63 5.43 44.65
N THR B 153 -0.13 6.26 43.72
CA THR B 153 -0.96 6.67 42.59
C THR B 153 -1.19 5.49 41.63
N ASN B 154 -0.18 4.65 41.41
CA ASN B 154 -0.35 3.49 40.53
C ASN B 154 -1.22 2.42 41.17
N LEU B 155 -1.03 2.23 42.47
CA LEU B 155 -1.89 1.35 43.26
C LEU B 155 -3.35 1.77 43.15
N ALA B 156 -3.58 3.08 43.18
CA ALA B 156 -4.93 3.62 43.09
C ALA B 156 -5.55 3.41 41.71
N TYR B 157 -4.75 3.52 40.65
CA TYR B 157 -5.24 3.27 39.31
C TYR B 157 -5.84 1.86 39.32
N ALA B 158 -5.02 0.89 39.72
CA ALA B 158 -5.42 -0.51 39.74
C ALA B 158 -6.67 -0.72 40.59
N LYS B 159 -6.63 -0.20 41.83
CA LYS B 159 -7.70 -0.44 42.78
C LYS B 159 -9.03 0.11 42.30
N TYR B 160 -9.05 1.36 41.82
CA TYR B 160 -10.32 2.02 41.54
C TYR B 160 -10.95 1.58 40.22
N VAL B 161 -10.15 0.96 39.35
CA VAL B 161 -10.70 0.44 38.11
C VAL B 161 -11.21 -0.99 38.32
N GLY B 162 -10.92 -1.59 39.47
CA GLY B 162 -11.47 -2.89 39.83
C GLY B 162 -10.49 -4.06 39.71
N ALA B 163 -9.20 -3.75 39.51
CA ALA B 163 -8.19 -4.79 39.41
C ALA B 163 -7.61 -5.12 40.77
N SER B 164 -6.70 -6.10 40.82
CA SER B 164 -6.05 -6.55 42.03
C SER B 164 -4.58 -6.09 42.02
N PRO B 165 -4.29 -4.94 42.64
CA PRO B 165 -2.97 -4.32 42.49
C PRO B 165 -1.91 -5.21 43.12
N THR B 166 -0.85 -5.54 42.38
CA THR B 166 0.20 -6.39 42.91
C THR B 166 1.54 -5.63 42.87
N PRO B 167 1.94 -4.96 43.97
CA PRO B 167 3.15 -4.14 43.93
C PRO B 167 4.34 -5.07 43.80
N MET B 168 5.32 -4.66 42.99
CA MET B 168 6.52 -5.45 42.76
C MET B 168 7.61 -4.59 42.12
N ALA B 169 8.88 -4.91 42.42
CA ALA B 169 10.03 -4.19 41.86
C ALA B 169 10.15 -4.42 40.35
N PHE B 170 10.33 -3.32 39.60
CA PHE B 170 10.65 -3.31 38.17
C PHE B 170 11.47 -4.50 37.64
N SER B 171 12.63 -4.74 38.28
CA SER B 171 13.53 -5.83 37.93
C SER B 171 12.86 -7.18 37.74
N GLU B 172 11.78 -7.45 38.48
CA GLU B 172 11.21 -8.77 38.59
C GLU B 172 10.06 -9.02 37.62
N VAL B 173 9.56 -7.93 37.02
CA VAL B 173 8.30 -7.96 36.28
C VAL B 173 8.34 -8.92 35.09
N TYR B 174 9.43 -8.88 34.32
CA TYR B 174 9.55 -9.72 33.14
C TYR B 174 9.18 -11.16 33.50
N LEU B 175 9.79 -11.67 34.59
CA LEU B 175 9.66 -13.06 34.97
C LEU B 175 8.26 -13.38 35.49
N ALA B 176 7.71 -12.47 36.31
CA ALA B 176 6.35 -12.57 36.79
C ALA B 176 5.32 -12.72 35.67
N LEU B 177 5.46 -11.89 34.64
CA LEU B 177 4.56 -11.94 33.50
C LEU B 177 4.74 -13.27 32.75
N GLN B 178 5.99 -13.65 32.54
CA GLN B 178 6.31 -14.86 31.80
C GLN B 178 5.72 -16.10 32.47
N THR B 179 5.73 -16.14 33.80
CA THR B 179 5.22 -17.27 34.57
C THR B 179 3.74 -17.11 34.96
N ASN B 180 3.12 -16.01 34.53
CA ASN B 180 1.77 -15.66 34.95
C ASN B 180 1.55 -15.61 36.46
N SER B 181 2.60 -15.26 37.21
CA SER B 181 2.44 -14.81 38.60
C SER B 181 1.56 -13.57 38.68
N VAL B 182 1.66 -12.70 37.65
CA VAL B 182 0.75 -11.59 37.48
C VAL B 182 0.19 -11.64 36.06
N ASP B 183 -1.00 -11.07 35.85
CA ASP B 183 -1.66 -11.05 34.56
C ASP B 183 -1.29 -9.86 33.66
N GLY B 184 -0.67 -8.83 34.24
CA GLY B 184 -0.41 -7.61 33.49
C GLY B 184 0.45 -6.60 34.24
N GLN B 185 0.78 -5.52 33.54
CA GLN B 185 1.48 -4.40 34.14
C GLN B 185 1.08 -3.11 33.42
N GLU B 186 1.58 -1.99 33.91
CA GLU B 186 1.21 -0.73 33.30
C GLU B 186 2.44 0.18 33.30
N ASN B 187 2.72 0.73 32.13
CA ASN B 187 3.97 1.40 31.84
C ASN B 187 3.82 2.03 30.47
N PRO B 188 4.66 3.02 30.12
CA PRO B 188 4.61 3.60 28.78
C PRO B 188 5.07 2.58 27.76
N LEU B 189 4.64 2.76 26.51
CA LEU B 189 5.04 1.86 25.43
C LEU B 189 6.55 1.67 25.32
N ALA B 190 7.28 2.78 25.53
CA ALA B 190 8.74 2.76 25.39
C ALA B 190 9.34 1.77 26.38
N THR B 191 8.79 1.72 27.60
CA THR B 191 9.26 0.81 28.62
C THR B 191 8.92 -0.65 28.27
N VAL B 192 7.73 -0.86 27.69
CA VAL B 192 7.31 -2.17 27.23
C VAL B 192 8.30 -2.71 26.20
N GLN B 193 8.77 -1.84 25.30
CA GLN B 193 9.76 -2.26 24.33
C GLN B 193 11.13 -2.50 24.97
N ALA B 194 11.51 -1.62 25.89
CA ALA B 194 12.84 -1.69 26.48
C ALA B 194 12.98 -2.95 27.33
N GLN B 195 11.95 -3.28 28.11
CA GLN B 195 11.93 -4.49 28.91
C GLN B 195 11.42 -5.72 28.16
N LYS B 196 11.07 -5.56 26.89
CA LYS B 196 10.57 -6.67 26.08
C LYS B 196 9.36 -7.38 26.68
N PHE B 197 8.50 -6.65 27.40
CA PHE B 197 7.27 -7.21 27.92
C PHE B 197 6.35 -7.68 26.81
N TYR B 198 6.58 -7.25 25.57
CA TYR B 198 5.75 -7.71 24.47
C TYR B 198 6.01 -9.18 24.14
N GLU B 199 7.19 -9.70 24.49
CA GLU B 199 7.46 -11.12 24.36
C GLU B 199 6.52 -11.98 25.23
N VAL B 200 6.13 -11.46 26.40
CA VAL B 200 5.36 -12.21 27.36
C VAL B 200 3.99 -11.59 27.72
N GLN B 201 3.38 -10.85 26.79
CA GLN B 201 2.06 -10.26 26.92
C GLN B 201 1.41 -10.19 25.55
N LYS B 202 0.17 -10.68 25.40
CA LYS B 202 -0.43 -10.78 24.08
C LYS B 202 -1.39 -9.62 23.85
N TYR B 203 -1.64 -8.83 24.90
CA TYR B 203 -2.63 -7.77 24.77
C TYR B 203 -2.13 -6.44 25.30
N LEU B 204 -2.49 -5.37 24.57
CA LEU B 204 -2.18 -3.99 24.94
C LEU B 204 -3.47 -3.19 24.88
N ALA B 205 -3.75 -2.44 25.96
CA ALA B 205 -4.90 -1.56 26.03
C ALA B 205 -4.48 -0.09 26.20
N ILE B 206 -5.03 0.79 25.37
CA ILE B 206 -4.74 2.21 25.46
C ILE B 206 -5.66 2.84 26.50
N THR B 207 -5.16 2.83 27.74
CA THR B 207 -5.84 3.40 28.90
C THR B 207 -5.48 4.85 29.18
N ASN B 208 -4.33 5.29 28.67
CA ASN B 208 -3.80 6.63 28.85
C ASN B 208 -3.93 7.18 30.26
N HIS B 209 -3.64 6.39 31.27
CA HIS B 209 -4.14 6.70 32.60
C HIS B 209 -3.26 7.71 33.33
N ILE B 210 -1.96 7.68 33.04
CA ILE B 210 -1.02 8.49 33.80
C ILE B 210 0.10 8.99 32.90
N LEU B 211 0.47 10.26 33.04
CA LEU B 211 1.55 10.84 32.26
C LEU B 211 2.84 10.87 33.09
N ASN B 212 3.94 10.31 32.57
CA ASN B 212 5.21 10.35 33.26
C ASN B 212 6.08 11.48 32.72
N ASP B 213 6.71 12.19 33.65
CA ASP B 213 7.82 13.06 33.32
C ASP B 213 9.06 12.48 33.97
N GLN B 214 10.21 13.04 33.62
CA GLN B 214 11.44 12.68 34.28
C GLN B 214 12.18 13.98 34.60
N LEU B 215 12.62 14.09 35.86
CA LEU B 215 13.38 15.24 36.30
C LEU B 215 14.84 14.84 36.28
N TYR B 216 15.67 15.67 35.62
CA TYR B 216 17.13 15.58 35.71
C TYR B 216 17.53 16.25 37.02
N LEU B 217 18.05 15.47 37.96
CA LEU B 217 18.37 16.02 39.27
C LEU B 217 19.87 15.91 39.53
N VAL B 218 20.40 16.91 40.24
CA VAL B 218 21.78 16.89 40.70
C VAL B 218 21.79 17.19 42.19
N SER B 219 22.71 16.55 42.90
CA SER B 219 22.98 16.84 44.30
C SER B 219 23.36 18.31 44.47
N SER B 220 22.68 19.01 45.39
CA SER B 220 22.96 20.40 45.67
C SER B 220 24.39 20.58 46.17
N GLU B 221 24.88 19.60 46.93
CA GLU B 221 26.25 19.62 47.40
C GLU B 221 27.17 19.59 46.18
N THR B 222 26.99 18.61 45.28
CA THR B 222 27.87 18.51 44.13
C THR B 222 27.85 19.78 43.30
N PHE B 223 26.66 20.33 43.09
CA PHE B 223 26.47 21.43 42.16
C PHE B 223 27.04 22.72 42.70
N ALA B 224 26.92 22.90 44.02
CA ALA B 224 27.49 24.05 44.71
C ALA B 224 29.01 24.01 44.71
N ASP B 225 29.60 22.82 44.67
CA ASP B 225 31.04 22.66 44.61
C ASP B 225 31.61 22.89 43.22
N LEU B 226 30.75 22.97 42.20
CA LEU B 226 31.23 23.29 40.87
C LEU B 226 31.40 24.81 40.71
N PRO B 227 32.47 25.29 40.04
CA PRO B 227 32.55 26.71 39.71
C PRO B 227 31.41 27.14 38.78
N GLU B 228 31.02 28.42 38.82
CA GLU B 228 29.83 28.89 38.13
C GLU B 228 29.82 28.59 36.64
N ASP B 229 30.98 28.55 35.98
CA ASP B 229 31.00 28.31 34.55
C ASP B 229 30.66 26.85 34.22
N LEU B 230 31.08 25.94 35.12
CA LEU B 230 30.75 24.54 34.99
C LEU B 230 29.29 24.28 35.39
N GLN B 231 28.76 25.01 36.37
CA GLN B 231 27.33 24.95 36.62
C GLN B 231 26.52 25.25 35.36
N LYS B 232 26.92 26.25 34.60
CA LYS B 232 26.17 26.61 33.40
C LYS B 232 26.30 25.51 32.35
N VAL B 233 27.46 24.87 32.25
CA VAL B 233 27.63 23.80 31.29
C VAL B 233 26.67 22.67 31.63
N VAL B 234 26.64 22.26 32.90
CA VAL B 234 25.84 21.11 33.32
C VAL B 234 24.34 21.39 33.14
N LYS B 235 23.96 22.61 33.53
CA LYS B 235 22.59 23.05 33.37
C LYS B 235 22.14 23.05 31.91
N LYS B 236 22.97 23.59 31.03
CA LYS B 236 22.64 23.66 29.60
C LYS B 236 22.60 22.29 28.97
N ALA B 237 23.50 21.39 29.39
CA ALA B 237 23.54 20.04 28.84
C ALA B 237 22.30 19.25 29.26
N ALA B 238 21.88 19.46 30.50
CA ALA B 238 20.65 18.86 30.98
C ALA B 238 19.44 19.34 30.17
N GLN B 239 19.41 20.61 29.78
CA GLN B 239 18.28 21.12 29.01
C GLN B 239 18.26 20.52 27.62
N LYS B 240 19.46 20.29 27.08
CA LYS B 240 19.60 19.75 25.75
C LYS B 240 19.20 18.28 25.75
N ALA B 241 19.70 17.55 26.75
CA ALA B 241 19.36 16.16 26.93
C ALA B 241 17.83 15.99 27.10
N ALA B 242 17.21 16.82 27.94
CA ALA B 242 15.78 16.73 28.14
C ALA B 242 14.97 16.96 26.88
N GLU B 243 15.43 17.83 25.97
CA GLU B 243 14.71 18.01 24.73
C GLU B 243 14.81 16.73 23.88
N TYR B 244 15.99 16.11 23.86
CA TYR B 244 16.18 14.84 23.17
C TYR B 244 15.32 13.74 23.77
N HIS B 245 15.37 13.65 25.11
CA HIS B 245 14.61 12.71 25.92
C HIS B 245 13.13 12.78 25.54
N THR B 246 12.58 13.99 25.56
CA THR B 246 11.21 14.19 25.15
C THR B 246 10.94 13.71 23.73
N LYS B 247 11.87 14.01 22.82
CA LYS B 247 11.63 13.69 21.42
C LYS B 247 11.59 12.16 21.21
N LEU B 248 12.44 11.43 21.94
CA LEU B 248 12.47 9.98 21.83
C LEU B 248 11.10 9.39 22.18
N PHE B 249 10.48 9.87 23.27
CA PHE B 249 9.19 9.36 23.67
C PHE B 249 8.07 9.77 22.73
N VAL B 250 8.13 11.01 22.22
CA VAL B 250 7.06 11.48 21.35
C VAL B 250 7.07 10.71 20.04
N ASP B 251 8.27 10.56 19.47
CA ASP B 251 8.47 9.84 18.21
C ASP B 251 8.12 8.37 18.37
N GLY B 252 8.66 7.73 19.42
CA GLY B 252 8.28 6.38 19.81
C GLY B 252 6.77 6.11 19.87
N GLU B 253 6.03 7.08 20.40
CA GLU B 253 4.60 6.85 20.56
C GLU B 253 3.79 7.00 19.28
N LYS B 254 4.38 7.36 18.15
CA LYS B 254 3.69 7.31 16.86
C LYS B 254 3.88 6.00 16.11
N GLU B 255 4.81 5.14 16.56
CA GLU B 255 5.20 3.97 15.81
C GLU B 255 5.06 2.67 16.62
N LEU B 256 5.16 2.77 17.95
CA LEU B 256 5.27 1.60 18.77
C LEU B 256 4.06 0.66 18.73
N VAL B 257 2.86 1.23 18.55
CA VAL B 257 1.67 0.42 18.45
C VAL B 257 1.82 -0.49 17.23
N THR B 258 2.22 0.08 16.09
CA THR B 258 2.50 -0.72 14.92
C THR B 258 3.54 -1.80 15.18
N PHE B 259 4.60 -1.42 15.90
CA PHE B 259 5.68 -2.35 16.22
C PHE B 259 5.17 -3.57 16.99
N PHE B 260 4.38 -3.32 18.04
CA PHE B 260 3.81 -4.38 18.85
C PHE B 260 2.86 -5.27 18.06
N GLU B 261 2.04 -4.66 17.20
CA GLU B 261 1.12 -5.45 16.40
C GLU B 261 1.93 -6.32 15.45
N LYS B 262 3.05 -5.82 14.96
CA LYS B 262 3.94 -6.61 14.13
C LYS B 262 4.45 -7.82 14.91
N GLN B 263 4.72 -7.64 16.21
CA GLN B 263 5.21 -8.71 17.06
C GLN B 263 4.13 -9.64 17.61
N GLY B 264 2.89 -9.54 17.12
CA GLY B 264 1.84 -10.45 17.57
C GLY B 264 0.89 -9.94 18.65
N VAL B 265 1.14 -8.76 19.24
CA VAL B 265 0.24 -8.18 20.23
C VAL B 265 -1.09 -7.73 19.61
N THR B 266 -2.19 -7.92 20.34
CA THR B 266 -3.51 -7.39 19.97
C THR B 266 -3.82 -6.14 20.78
N VAL B 267 -4.19 -5.04 20.08
CA VAL B 267 -4.29 -3.74 20.71
C VAL B 267 -5.74 -3.33 20.84
N THR B 268 -6.18 -2.96 22.06
CA THR B 268 -7.53 -2.45 22.28
C THR B 268 -7.53 -0.99 22.67
N HIS B 269 -8.68 -0.35 22.43
CA HIS B 269 -8.89 1.06 22.71
C HIS B 269 -10.16 1.23 23.55
N PRO B 270 -10.16 0.78 24.81
CA PRO B 270 -11.37 0.82 25.63
C PRO B 270 -11.82 2.26 25.80
N ASP B 271 -13.16 2.41 25.97
CA ASP B 271 -13.83 3.67 26.24
C ASP B 271 -13.36 4.17 27.60
N LEU B 272 -12.85 5.39 27.63
CA LEU B 272 -12.16 5.86 28.79
C LEU B 272 -13.07 6.66 29.71
N THR B 273 -14.31 6.95 29.28
CA THR B 273 -15.15 7.78 30.13
C THR B 273 -15.55 7.01 31.40
N PRO B 274 -15.86 5.68 31.38
CA PRO B 274 -15.97 4.92 32.63
C PRO B 274 -14.72 4.91 33.51
N PHE B 275 -13.52 4.86 32.88
CA PHE B 275 -12.27 4.94 33.62
C PHE B 275 -12.12 6.29 34.35
N LYS B 276 -12.35 7.40 33.64
CA LYS B 276 -12.32 8.71 34.26
C LYS B 276 -13.32 8.78 35.41
N ASP B 277 -14.56 8.37 35.17
CA ASP B 277 -15.58 8.36 36.20
C ASP B 277 -15.19 7.54 37.43
N ALA B 278 -14.50 6.42 37.24
CA ALA B 278 -14.06 5.62 38.36
C ALA B 278 -13.02 6.30 39.25
N MET B 279 -12.35 7.33 38.73
CA MET B 279 -11.33 8.03 39.50
C MET B 279 -11.87 9.14 40.38
N LYS B 280 -13.07 9.65 40.10
CA LYS B 280 -13.63 10.76 40.88
C LYS B 280 -13.51 10.49 42.38
N PRO B 281 -13.96 9.32 42.88
CA PRO B 281 -13.83 8.97 44.29
C PRO B 281 -12.40 8.98 44.81
N TYR B 282 -11.44 8.68 43.93
CA TYR B 282 -10.04 8.74 44.32
C TYR B 282 -9.56 10.18 44.48
N TYR B 283 -10.01 11.09 43.59
CA TYR B 283 -9.72 12.51 43.74
C TYR B 283 -10.25 12.98 45.10
N ALA B 284 -11.46 12.54 45.45
CA ALA B 284 -12.02 12.90 46.74
C ALA B 284 -11.14 12.42 47.89
N GLU B 285 -10.53 11.23 47.73
CA GLU B 285 -9.68 10.68 48.77
C GLU B 285 -8.39 11.48 48.89
N PHE B 286 -7.87 11.94 47.75
CA PHE B 286 -6.69 12.77 47.70
C PHE B 286 -6.91 14.04 48.53
N VAL B 287 -8.06 14.69 48.33
CA VAL B 287 -8.41 15.91 49.02
C VAL B 287 -8.65 15.62 50.51
N LYS B 288 -9.30 14.50 50.80
CA LYS B 288 -9.54 14.14 52.19
C LYS B 288 -8.22 14.01 52.93
N GLN B 289 -7.17 13.57 52.23
CA GLN B 289 -5.84 13.41 52.80
C GLN B 289 -5.00 14.69 52.81
N THR B 290 -5.09 15.51 51.77
CA THR B 290 -4.24 16.69 51.70
C THR B 290 -4.93 17.99 52.13
N GLY B 291 -6.25 17.92 52.33
CA GLY B 291 -7.01 19.04 52.85
C GLY B 291 -7.24 20.20 51.89
N ALA B 292 -7.53 21.39 52.45
CA ALA B 292 -7.76 22.59 51.66
C ALA B 292 -6.61 22.85 50.68
N LYS B 293 -5.36 22.60 51.09
CA LYS B 293 -4.24 22.87 50.22
C LYS B 293 -4.24 21.96 48.99
N GLY B 294 -4.59 20.70 49.20
CA GLY B 294 -4.69 19.76 48.11
C GLY B 294 -5.82 20.08 47.13
N GLU B 295 -6.95 20.53 47.66
CA GLU B 295 -8.06 20.94 46.83
C GLU B 295 -7.62 22.11 45.96
N GLU B 296 -7.00 23.13 46.57
CA GLU B 296 -6.48 24.28 45.86
C GLU B 296 -5.55 23.87 44.71
N VAL B 297 -4.58 23.00 45.00
CA VAL B 297 -3.66 22.55 43.96
C VAL B 297 -4.31 21.75 42.84
N LEU B 298 -5.33 20.96 43.14
CA LEU B 298 -6.02 20.19 42.12
C LEU B 298 -6.80 21.12 41.20
N LYS B 299 -7.47 22.11 41.78
CA LYS B 299 -8.17 23.13 41.01
C LYS B 299 -7.23 23.88 40.06
N GLN B 300 -6.04 24.24 40.57
CA GLN B 300 -5.07 25.01 39.81
C GLN B 300 -4.66 24.20 38.57
N ILE B 301 -4.37 22.91 38.77
CA ILE B 301 -3.91 22.08 37.67
C ILE B 301 -5.00 21.76 36.67
N GLN B 302 -6.23 21.57 37.15
CA GLN B 302 -7.34 21.30 36.23
C GLN B 302 -7.72 22.55 35.46
N ALA B 303 -7.40 23.71 36.03
CA ALA B 303 -7.61 24.98 35.35
C ALA B 303 -6.63 25.21 34.20
N ILE B 304 -5.50 24.51 34.17
CA ILE B 304 -4.51 24.74 33.14
C ILE B 304 -4.99 24.12 31.84
N ASN B 305 -5.26 25.02 30.86
CA ASN B 305 -5.56 24.69 29.49
C ASN B 305 -4.80 25.61 28.52
N LYS B 306 -4.07 26.60 29.06
CA LYS B 306 -3.67 27.80 28.31
C LYS B 306 -2.71 27.50 27.10
N ALA C 1 36.91 24.87 -6.32
CA ALA C 1 36.77 23.57 -6.96
C ALA C 1 35.34 23.29 -7.46
N GLU C 2 34.48 22.72 -6.59
CA GLU C 2 33.36 21.90 -7.00
C GLU C 2 32.34 22.47 -7.99
N TYR C 3 32.20 21.72 -9.08
CA TYR C 3 31.00 21.72 -9.89
C TYR C 3 30.41 20.32 -9.80
N ASP C 4 29.19 20.21 -9.27
CA ASP C 4 28.49 18.93 -9.19
C ASP C 4 27.47 18.86 -10.31
N LEU C 5 27.82 18.12 -11.38
CA LEU C 5 27.04 18.13 -12.60
C LEU C 5 26.28 16.84 -12.85
N LYS C 6 25.20 16.96 -13.64
CA LYS C 6 24.33 15.83 -13.94
C LYS C 6 24.25 15.53 -15.45
N PHE C 7 24.33 14.24 -15.79
CA PHE C 7 24.19 13.71 -17.14
C PHE C 7 23.03 12.71 -17.18
N GLY C 8 21.96 13.03 -17.90
CA GLY C 8 20.88 12.09 -18.12
C GLY C 8 20.86 11.49 -19.51
N MET C 9 20.33 10.26 -19.63
CA MET C 9 20.19 9.59 -20.92
C MET C 9 19.03 8.61 -20.90
N ASN C 10 18.59 8.15 -22.08
CA ASN C 10 17.62 7.06 -22.18
C ASN C 10 18.21 5.68 -21.95
N ALA C 11 19.45 5.47 -22.39
CA ALA C 11 20.03 4.15 -22.34
C ALA C 11 20.19 3.70 -20.90
N GLY C 12 20.28 2.38 -20.69
CA GLY C 12 20.39 1.81 -19.36
C GLY C 12 21.84 1.46 -19.02
N THR C 13 22.03 0.95 -17.81
CA THR C 13 23.37 0.78 -17.28
C THR C 13 24.19 -0.31 -17.99
N SER C 14 23.55 -1.21 -18.73
CA SER C 14 24.31 -2.22 -19.47
C SER C 14 24.62 -1.83 -20.92
N SER C 15 24.22 -0.63 -21.34
CA SER C 15 24.47 -0.19 -22.69
C SER C 15 25.91 0.30 -22.91
N ASN C 16 26.31 0.30 -24.18
CA ASN C 16 27.53 0.97 -24.63
C ASN C 16 27.52 2.46 -24.30
N GLU C 17 26.37 3.11 -24.53
CA GLU C 17 26.24 4.54 -24.24
C GLU C 17 26.64 4.84 -22.79
N TYR C 18 26.16 4.00 -21.87
CA TYR C 18 26.46 4.20 -20.48
C TYR C 18 27.93 3.99 -20.16
N LYS C 19 28.55 3.00 -20.81
CA LYS C 19 29.98 2.74 -20.61
C LYS C 19 30.79 3.96 -21.05
N ALA C 20 30.40 4.53 -22.20
CA ALA C 20 31.07 5.69 -22.75
C ALA C 20 30.93 6.89 -21.82
N ALA C 21 29.74 7.04 -21.23
CA ALA C 21 29.48 8.15 -20.35
C ALA C 21 30.14 7.96 -18.99
N GLU C 22 30.41 6.70 -18.62
CA GLU C 22 31.22 6.44 -17.44
C GLU C 22 32.66 6.89 -17.67
N MET C 23 33.18 6.61 -18.86
CA MET C 23 34.53 7.05 -19.21
C MET C 23 34.62 8.58 -19.20
N PHE C 24 33.63 9.23 -19.82
CA PHE C 24 33.51 10.67 -19.80
C PHE C 24 33.55 11.26 -18.39
N ALA C 25 32.77 10.69 -17.47
CA ALA C 25 32.72 11.17 -16.10
C ALA C 25 34.05 10.95 -15.37
N LYS C 26 34.66 9.80 -15.60
CA LYS C 26 35.95 9.47 -15.01
C LYS C 26 37.04 10.43 -15.53
N GLU C 27 37.08 10.61 -16.85
CA GLU C 27 38.07 11.46 -17.48
C GLU C 27 37.99 12.89 -16.96
N VAL C 28 36.78 13.44 -16.89
CA VAL C 28 36.58 14.82 -16.44
C VAL C 28 36.98 14.97 -14.99
N LYS C 29 36.66 13.97 -14.14
CA LYS C 29 37.05 14.02 -12.75
C LYS C 29 38.58 14.09 -12.62
N GLU C 30 39.27 13.18 -13.29
CA GLU C 30 40.72 13.09 -13.25
C GLU C 30 41.40 14.35 -13.80
N LYS C 31 41.08 14.70 -15.06
CA LYS C 31 41.74 15.79 -15.75
C LYS C 31 41.41 17.18 -15.22
N SER C 32 40.40 17.27 -14.33
CA SER C 32 40.05 18.53 -13.69
C SER C 32 40.51 18.56 -12.24
N ASN C 33 41.38 17.61 -11.86
CA ASN C 33 41.79 17.40 -10.48
C ASN C 33 40.62 17.50 -9.50
N GLY C 34 39.54 16.76 -9.79
CA GLY C 34 38.43 16.62 -8.88
C GLY C 34 37.56 17.86 -8.75
N LYS C 35 37.73 18.84 -9.63
CA LYS C 35 36.95 20.06 -9.54
C LYS C 35 35.56 19.82 -10.08
N ILE C 36 35.41 18.86 -11.02
CA ILE C 36 34.11 18.54 -11.60
C ILE C 36 33.77 17.08 -11.35
N GLU C 37 32.57 16.85 -10.80
CA GLU C 37 32.05 15.50 -10.62
C GLU C 37 30.79 15.36 -11.46
N ILE C 38 30.71 14.30 -12.28
CA ILE C 38 29.53 14.10 -13.10
C ILE C 38 28.74 12.87 -12.68
N SER C 39 27.51 13.09 -12.18
CA SER C 39 26.60 12.00 -11.86
C SER C 39 25.76 11.57 -13.04
N LEU C 40 25.64 10.25 -13.24
CA LEU C 40 24.82 9.70 -14.33
C LEU C 40 23.40 9.31 -13.91
N TYR C 41 22.42 9.72 -14.72
CA TYR C 41 21.01 9.39 -14.57
C TYR C 41 20.51 8.66 -15.82
N PRO C 42 20.71 7.33 -15.87
CA PRO C 42 20.26 6.51 -17.00
C PRO C 42 18.78 6.11 -16.99
N SER C 43 18.38 5.44 -18.07
CA SER C 43 17.05 4.87 -18.21
C SER C 43 15.96 5.91 -18.00
N SER C 44 16.18 7.11 -18.54
CA SER C 44 15.20 8.18 -18.50
C SER C 44 14.72 8.57 -17.10
N GLN C 45 15.57 8.37 -16.08
CA GLN C 45 15.23 8.82 -14.74
C GLN C 45 14.84 10.29 -14.64
N LEU C 46 15.45 11.16 -15.46
CA LEU C 46 15.17 12.58 -15.37
C LEU C 46 14.21 13.07 -16.46
N GLY C 47 13.57 12.13 -17.14
CA GLY C 47 12.64 12.46 -18.21
C GLY C 47 13.06 11.80 -19.52
N ASP C 48 12.15 11.89 -20.50
CA ASP C 48 12.43 11.49 -21.87
C ASP C 48 13.33 12.54 -22.54
N ASP C 49 13.82 12.20 -23.74
CA ASP C 49 14.53 13.12 -24.61
C ASP C 49 14.05 14.56 -24.59
N ARG C 50 12.77 14.74 -24.87
CA ARG C 50 12.21 16.06 -25.00
C ARG C 50 12.42 16.83 -23.69
N ALA C 51 12.10 16.18 -22.56
CA ALA C 51 12.23 16.79 -21.26
C ALA C 51 13.67 17.09 -20.87
N MET C 52 14.61 16.23 -21.29
CA MET C 52 16.00 16.40 -20.91
C MET C 52 16.61 17.53 -21.73
N LEU C 53 16.28 17.61 -23.02
CA LEU C 53 16.71 18.74 -23.85
C LEU C 53 16.20 20.07 -23.28
N LYS C 54 14.95 20.08 -22.81
CA LYS C 54 14.38 21.29 -22.25
C LYS C 54 15.08 21.70 -20.95
N GLN C 55 15.55 20.73 -20.17
CA GLN C 55 16.27 21.00 -18.95
C GLN C 55 17.67 21.56 -19.18
N LEU C 56 18.33 21.09 -20.25
CA LEU C 56 19.61 21.65 -20.66
C LEU C 56 19.43 23.13 -21.00
N LYS C 57 18.35 23.44 -21.71
CA LYS C 57 18.05 24.80 -22.09
C LYS C 57 18.00 25.73 -20.87
N ASP C 58 17.32 25.29 -19.80
CA ASP C 58 17.13 26.14 -18.63
C ASP C 58 18.27 26.00 -17.61
N GLY C 59 19.29 25.22 -17.94
CA GLY C 59 20.40 24.98 -17.03
C GLY C 59 20.11 24.08 -15.82
N ALA C 60 18.99 23.35 -15.82
CA ALA C 60 18.65 22.45 -14.73
C ALA C 60 19.39 21.11 -14.80
N LEU C 61 19.84 20.76 -16.01
CA LEU C 61 20.58 19.53 -16.22
C LEU C 61 21.76 19.85 -17.13
N ASP C 62 22.92 19.27 -16.87
CA ASP C 62 24.12 19.76 -17.52
C ASP C 62 24.44 19.07 -18.83
N PHE C 63 24.31 17.75 -18.87
CA PHE C 63 24.63 16.96 -20.06
C PHE C 63 23.51 16.01 -20.46
N THR C 64 23.42 15.70 -21.76
CA THR C 64 22.60 14.60 -22.22
C THR C 64 23.04 14.08 -23.58
N PHE C 65 22.46 12.93 -23.97
CA PHE C 65 22.61 12.36 -25.30
C PHE C 65 21.40 12.64 -26.17
N ALA C 66 21.62 12.78 -27.47
CA ALA C 66 20.52 12.88 -28.41
C ALA C 66 20.99 12.48 -29.80
N GLU C 67 20.10 11.89 -30.60
CA GLU C 67 20.39 11.55 -31.98
C GLU C 67 20.20 12.83 -32.79
N SER C 68 21.01 13.02 -33.83
CA SER C 68 20.82 14.13 -34.75
C SER C 68 19.39 14.21 -35.25
N ALA C 69 18.81 13.03 -35.57
CA ALA C 69 17.48 13.00 -36.16
C ALA C 69 16.40 13.52 -35.20
N ARG C 70 16.66 13.45 -33.89
CA ARG C 70 15.70 13.90 -32.90
C ARG C 70 15.35 15.38 -32.98
N PHE C 71 16.24 16.19 -33.57
CA PHE C 71 15.96 17.61 -33.72
C PHE C 71 14.84 17.90 -34.71
N GLN C 72 14.27 16.85 -35.31
CA GLN C 72 13.06 16.99 -36.12
C GLN C 72 11.89 17.45 -35.28
N LEU C 73 11.94 17.17 -33.98
CA LEU C 73 11.04 17.78 -33.01
C LEU C 73 10.90 19.28 -33.17
N PHE C 74 12.00 19.98 -33.45
CA PHE C 74 12.02 21.43 -33.58
C PHE C 74 12.20 21.95 -35.01
N TYR C 75 12.96 21.22 -35.83
CA TYR C 75 13.24 21.59 -37.21
C TYR C 75 12.92 20.39 -38.12
N PRO C 76 11.73 20.30 -38.72
CA PRO C 76 11.30 19.08 -39.44
C PRO C 76 12.30 18.51 -40.45
N GLU C 77 13.04 19.38 -41.15
CA GLU C 77 13.97 18.91 -42.16
C GLU C 77 15.14 18.09 -41.57
N ALA C 78 15.31 18.12 -40.25
CA ALA C 78 16.31 17.27 -39.62
C ALA C 78 15.94 15.79 -39.60
N ALA C 79 14.69 15.46 -39.96
CA ALA C 79 14.31 14.07 -40.14
C ALA C 79 15.21 13.39 -41.17
N VAL C 80 15.81 14.20 -42.05
CA VAL C 80 16.66 13.68 -43.11
C VAL C 80 17.70 12.71 -42.55
N PHE C 81 18.16 12.92 -41.31
CA PHE C 81 19.21 12.09 -40.74
C PHE C 81 18.82 10.65 -40.54
N ALA C 82 17.51 10.35 -40.42
CA ALA C 82 17.02 8.98 -40.27
C ALA C 82 16.19 8.42 -41.42
N LEU C 83 16.10 9.14 -42.53
CA LEU C 83 15.46 8.61 -43.71
C LEU C 83 16.23 7.38 -44.23
N PRO C 84 15.56 6.23 -44.44
CA PRO C 84 16.30 5.03 -44.83
C PRO C 84 17.18 5.24 -46.06
N TYR C 85 18.43 4.75 -45.94
CA TYR C 85 19.43 4.77 -46.98
C TYR C 85 19.94 6.13 -47.46
N VAL C 86 19.62 7.20 -46.75
CA VAL C 86 20.14 8.52 -47.10
C VAL C 86 21.55 8.69 -46.54
N ILE C 87 21.69 8.48 -45.24
CA ILE C 87 22.96 8.45 -44.56
C ILE C 87 23.55 7.06 -44.74
N THR C 88 24.46 6.91 -45.71
CA THR C 88 24.96 5.62 -46.15
C THR C 88 25.78 4.87 -45.11
N ASN C 89 26.51 5.66 -44.32
CA ASN C 89 27.45 5.15 -43.33
C ASN C 89 27.90 6.28 -42.38
N TYR C 90 28.72 5.97 -41.38
CA TYR C 90 29.06 6.95 -40.36
C TYR C 90 29.90 8.13 -40.82
N GLU C 91 30.81 7.95 -41.77
CA GLU C 91 31.53 9.07 -42.34
C GLU C 91 30.53 10.10 -42.87
N VAL C 92 29.44 9.63 -43.47
CA VAL C 92 28.45 10.53 -44.03
C VAL C 92 27.69 11.27 -42.93
N ALA C 93 27.33 10.57 -41.86
CA ALA C 93 26.67 11.19 -40.73
C ALA C 93 27.49 12.34 -40.17
N GLN C 94 28.81 12.14 -40.06
CA GLN C 94 29.74 13.14 -39.60
C GLN C 94 29.76 14.37 -40.51
N LYS C 95 29.95 14.14 -41.81
CA LYS C 95 29.97 15.23 -42.79
C LYS C 95 28.63 15.96 -42.91
N ALA C 96 27.53 15.19 -42.87
CA ALA C 96 26.21 15.80 -42.97
C ALA C 96 26.00 16.83 -41.85
N LEU C 97 26.44 16.48 -40.65
CA LEU C 97 26.26 17.38 -39.52
C LEU C 97 27.29 18.51 -39.48
N HIS C 98 28.56 18.24 -39.80
CA HIS C 98 29.64 19.19 -39.57
C HIS C 98 30.03 19.99 -40.81
N ASP C 99 29.89 19.39 -42.00
CA ASP C 99 30.46 19.94 -43.22
C ASP C 99 29.43 20.35 -44.27
N THR C 100 28.17 20.52 -43.89
CA THR C 100 27.17 20.99 -44.85
C THR C 100 26.66 22.34 -44.36
N ALA C 101 26.05 23.14 -45.23
CA ALA C 101 25.45 24.39 -44.81
C ALA C 101 24.37 24.11 -43.76
N PHE C 102 23.45 23.23 -44.15
CA PHE C 102 22.35 22.82 -43.30
C PHE C 102 22.82 22.35 -41.91
N GLY C 103 23.86 21.52 -41.87
CA GLY C 103 24.39 21.03 -40.61
C GLY C 103 24.97 22.16 -39.73
N LYS C 104 25.81 23.01 -40.32
CA LYS C 104 26.42 24.10 -39.60
C LYS C 104 25.36 25.02 -39.03
N ASP C 105 24.30 25.27 -39.82
CA ASP C 105 23.20 26.10 -39.36
C ASP C 105 22.45 25.44 -38.19
N LEU C 106 22.29 24.12 -38.25
CA LEU C 106 21.56 23.41 -37.22
C LEU C 106 22.32 23.51 -35.90
N ILE C 107 23.64 23.35 -35.93
CA ILE C 107 24.44 23.49 -34.72
C ILE C 107 24.29 24.89 -34.13
N GLN C 108 24.23 25.91 -34.99
CA GLN C 108 24.04 27.28 -34.54
C GLN C 108 22.70 27.43 -33.83
N LYS C 109 21.63 26.88 -34.42
CA LYS C 109 20.30 26.99 -33.84
C LYS C 109 20.18 26.19 -32.54
N MET C 110 20.87 25.06 -32.47
CA MET C 110 20.94 24.29 -31.25
C MET C 110 21.39 25.20 -30.12
N ASN C 111 22.38 26.04 -30.37
CA ASN C 111 22.85 26.98 -29.37
C ASN C 111 21.97 28.22 -29.20
N LYS C 112 21.74 28.96 -30.28
CA LYS C 112 20.96 30.20 -30.23
C LYS C 112 19.54 29.98 -29.75
N GLU C 113 18.86 28.98 -30.31
CA GLU C 113 17.45 28.78 -30.03
C GLU C 113 17.20 27.75 -28.92
N LEU C 114 18.07 26.75 -28.75
CA LEU C 114 17.78 25.66 -27.83
C LEU C 114 18.71 25.53 -26.63
N GLY C 115 19.72 26.40 -26.52
CA GLY C 115 20.60 26.42 -25.35
C GLY C 115 21.53 25.22 -25.21
N LEU C 116 21.84 24.58 -26.33
CA LEU C 116 22.65 23.37 -26.36
C LEU C 116 24.00 23.66 -27.00
N THR C 117 25.06 23.07 -26.43
CA THR C 117 26.37 23.12 -27.03
C THR C 117 26.77 21.69 -27.40
N LEU C 118 27.17 21.53 -28.67
CA LEU C 118 27.60 20.23 -29.19
C LEU C 118 29.08 20.02 -28.90
N LEU C 119 29.44 18.97 -28.15
CA LEU C 119 30.81 18.67 -27.80
C LEU C 119 31.45 17.63 -28.72
N SER C 120 30.65 16.67 -29.17
CA SER C 120 31.13 15.57 -29.98
C SER C 120 29.98 14.67 -30.46
N GLN C 121 30.32 13.85 -31.47
CA GLN C 121 29.39 12.98 -32.12
C GLN C 121 29.98 11.57 -32.08
N ALA C 122 29.12 10.57 -31.87
CA ALA C 122 29.57 9.19 -31.85
C ALA C 122 28.64 8.31 -32.70
N TYR C 123 29.20 7.22 -33.23
CA TYR C 123 28.42 6.19 -33.92
C TYR C 123 27.66 5.37 -32.88
N ASN C 124 26.37 5.11 -33.13
CA ASN C 124 25.55 4.38 -32.18
C ASN C 124 24.82 3.18 -32.83
N GLY C 125 25.46 2.58 -33.85
CA GLY C 125 25.02 1.34 -34.45
C GLY C 125 24.13 1.50 -35.67
N THR C 126 24.24 0.54 -36.59
CA THR C 126 23.35 0.51 -37.74
C THR C 126 22.20 -0.48 -37.53
N ARG C 127 20.98 -0.07 -37.86
CA ARG C 127 19.84 -0.97 -37.89
C ARG C 127 19.96 -2.04 -38.98
N GLN C 128 19.79 -3.31 -38.53
CA GLN C 128 19.72 -4.48 -39.40
C GLN C 128 18.37 -5.20 -39.26
N THR C 129 18.13 -6.18 -40.14
CA THR C 129 16.85 -6.87 -40.21
C THR C 129 17.01 -8.36 -39.89
N THR C 130 16.25 -8.83 -38.90
CA THR C 130 16.21 -10.22 -38.49
C THR C 130 14.93 -10.85 -39.04
N SER C 131 14.92 -12.17 -39.27
CA SER C 131 13.74 -12.86 -39.77
C SER C 131 13.70 -14.35 -39.44
N ASN C 132 12.53 -14.95 -39.58
CA ASN C 132 12.35 -16.40 -39.48
C ASN C 132 12.54 -17.10 -40.85
N ARG C 133 12.89 -16.33 -41.89
CA ARG C 133 13.29 -16.87 -43.18
C ARG C 133 14.27 -15.94 -43.89
N ALA C 134 15.02 -16.50 -44.84
CA ALA C 134 16.19 -15.83 -45.39
C ALA C 134 15.78 -14.65 -46.24
N ILE C 135 16.51 -13.54 -46.04
CA ILE C 135 16.42 -12.39 -46.92
C ILE C 135 17.69 -12.32 -47.76
N ASN C 136 17.60 -12.85 -48.98
CA ASN C 136 18.69 -12.85 -49.94
C ASN C 136 18.55 -11.68 -50.93
N GLY C 137 17.40 -11.00 -50.90
CA GLY C 137 17.14 -9.91 -51.81
C GLY C 137 15.81 -9.28 -51.47
N ILE C 138 15.53 -8.14 -52.10
CA ILE C 138 14.34 -7.37 -51.76
C ILE C 138 13.09 -8.23 -51.96
N ALA C 139 13.12 -9.14 -52.95
CA ALA C 139 11.96 -9.97 -53.21
C ALA C 139 11.46 -10.70 -51.95
N ASP C 140 12.39 -11.19 -51.12
CA ASP C 140 12.03 -11.94 -49.93
C ASP C 140 11.32 -11.14 -48.84
N MET C 141 11.30 -9.80 -48.96
CA MET C 141 10.58 -8.96 -48.01
C MET C 141 9.07 -8.98 -48.27
N LYS C 142 8.65 -9.35 -49.47
CA LYS C 142 7.24 -9.35 -49.79
C LYS C 142 6.54 -10.31 -48.84
N GLY C 143 5.51 -9.83 -48.12
CA GLY C 143 4.77 -10.68 -47.21
C GLY C 143 5.36 -10.78 -45.80
N LEU C 144 6.62 -10.39 -45.65
CA LEU C 144 7.28 -10.48 -44.35
C LEU C 144 6.54 -9.55 -43.39
N LYS C 145 5.98 -10.15 -42.32
CA LYS C 145 5.35 -9.37 -41.27
C LYS C 145 6.48 -8.87 -40.38
N LEU C 146 6.82 -7.59 -40.52
CA LEU C 146 8.04 -7.04 -39.96
C LEU C 146 7.68 -6.08 -38.84
N ARG C 147 8.07 -6.46 -37.62
CA ARG C 147 7.82 -5.60 -36.47
C ARG C 147 8.67 -4.34 -36.58
N VAL C 148 8.04 -3.20 -36.34
CA VAL C 148 8.74 -1.94 -36.29
C VAL C 148 8.24 -1.14 -35.10
N PRO C 149 9.05 -0.21 -34.54
CA PRO C 149 8.55 0.75 -33.57
C PRO C 149 7.55 1.64 -34.29
N ASN C 150 6.61 2.22 -33.54
CA ASN C 150 5.60 3.09 -34.12
C ASN C 150 6.22 4.47 -34.32
N ALA C 151 6.93 4.60 -35.45
CA ALA C 151 7.73 5.76 -35.80
C ALA C 151 7.83 5.81 -37.33
N ALA C 152 7.42 6.93 -37.92
CA ALA C 152 7.24 7.07 -39.36
C ALA C 152 8.38 6.50 -40.20
N THR C 153 9.63 6.74 -39.79
CA THR C 153 10.77 6.35 -40.63
C THR C 153 10.87 4.83 -40.72
N ASN C 154 10.67 4.12 -39.60
CA ASN C 154 10.77 2.67 -39.58
C ASN C 154 9.59 2.03 -40.31
N LEU C 155 8.39 2.60 -40.13
CA LEU C 155 7.22 2.19 -40.87
C LEU C 155 7.46 2.28 -42.37
N ALA C 156 8.12 3.37 -42.78
CA ALA C 156 8.37 3.60 -44.19
C ALA C 156 9.38 2.60 -44.77
N TYR C 157 10.38 2.25 -43.98
CA TYR C 157 11.34 1.24 -44.40
C TYR C 157 10.55 -0.02 -44.77
N ALA C 158 9.75 -0.51 -43.83
CA ALA C 158 8.97 -1.72 -44.04
C ALA C 158 8.05 -1.61 -45.26
N LYS C 159 7.27 -0.52 -45.30
CA LYS C 159 6.26 -0.36 -46.32
C LYS C 159 6.87 -0.36 -47.72
N TYR C 160 7.91 0.45 -47.91
CA TYR C 160 8.38 0.71 -49.27
C TYR C 160 9.27 -0.41 -49.80
N VAL C 161 9.74 -1.29 -48.92
CA VAL C 161 10.51 -2.44 -49.37
C VAL C 161 9.59 -3.60 -49.69
N GLY C 162 8.30 -3.47 -49.37
CA GLY C 162 7.28 -4.44 -49.78
C GLY C 162 6.84 -5.38 -48.67
N ALA C 163 7.23 -5.08 -47.42
CA ALA C 163 6.87 -5.87 -46.27
C ALA C 163 5.56 -5.34 -45.70
N SER C 164 5.09 -6.01 -44.64
CA SER C 164 3.85 -5.67 -43.96
C SER C 164 4.22 -5.11 -42.60
N PRO C 165 4.28 -3.78 -42.46
CA PRO C 165 4.80 -3.18 -41.23
C PRO C 165 3.87 -3.52 -40.09
N THR C 166 4.42 -4.05 -38.99
CA THR C 166 3.60 -4.39 -37.85
C THR C 166 4.11 -3.59 -36.65
N PRO C 167 3.49 -2.43 -36.32
CA PRO C 167 3.99 -1.66 -35.18
C PRO C 167 3.66 -2.45 -33.92
N MET C 168 4.60 -2.49 -32.98
CA MET C 168 4.40 -3.24 -31.75
C MET C 168 5.36 -2.75 -30.67
N ALA C 169 4.85 -2.77 -29.44
CA ALA C 169 5.57 -2.32 -28.26
C ALA C 169 6.76 -3.24 -27.96
N PHE C 170 7.92 -2.60 -27.75
CA PHE C 170 9.20 -3.26 -27.60
C PHE C 170 9.15 -4.47 -26.65
N SER C 171 8.56 -4.25 -25.46
CA SER C 171 8.45 -5.29 -24.46
C SER C 171 7.90 -6.63 -24.95
N GLU C 172 7.03 -6.61 -25.97
CA GLU C 172 6.33 -7.80 -26.42
C GLU C 172 7.02 -8.59 -27.53
N VAL C 173 8.04 -7.97 -28.14
CA VAL C 173 8.66 -8.48 -29.35
C VAL C 173 9.26 -9.88 -29.19
N TYR C 174 9.97 -10.13 -28.09
CA TYR C 174 10.60 -11.44 -27.89
C TYR C 174 9.58 -12.54 -28.14
N LEU C 175 8.40 -12.39 -27.53
CA LEU C 175 7.38 -13.43 -27.52
C LEU C 175 6.71 -13.55 -28.89
N ALA C 176 6.44 -12.41 -29.52
CA ALA C 176 5.92 -12.35 -30.88
C ALA C 176 6.79 -13.11 -31.88
N LEU C 177 8.10 -12.92 -31.80
CA LEU C 177 9.03 -13.60 -32.67
C LEU C 177 9.01 -15.10 -32.37
N GLN C 178 9.04 -15.45 -31.08
CA GLN C 178 9.08 -16.84 -30.67
C GLN C 178 7.85 -17.62 -31.18
N THR C 179 6.69 -16.98 -31.15
CA THR C 179 5.44 -17.58 -31.58
C THR C 179 5.13 -17.36 -33.06
N ASN C 180 6.03 -16.67 -33.76
CA ASN C 180 5.82 -16.26 -35.14
C ASN C 180 4.52 -15.48 -35.38
N SER C 181 4.09 -14.70 -34.38
CA SER C 181 3.11 -13.64 -34.60
C SER C 181 3.63 -12.59 -35.56
N VAL C 182 4.96 -12.34 -35.51
CA VAL C 182 5.63 -11.55 -36.53
C VAL C 182 6.80 -12.37 -37.06
N ASP C 183 7.16 -12.11 -38.32
CA ASP C 183 8.23 -12.83 -38.98
C ASP C 183 9.63 -12.22 -38.76
N GLY C 184 9.71 -10.99 -38.26
CA GLY C 184 10.99 -10.35 -38.02
C GLY C 184 10.91 -9.00 -37.32
N GLN C 185 12.08 -8.40 -37.08
CA GLN C 185 12.17 -7.05 -36.52
C GLN C 185 13.44 -6.39 -37.03
N GLU C 186 13.65 -5.12 -36.68
CA GLU C 186 14.80 -4.41 -37.18
C GLU C 186 15.37 -3.48 -36.10
N ASN C 187 16.66 -3.59 -35.85
CA ASN C 187 17.30 -2.98 -34.69
C ASN C 187 18.81 -3.13 -34.85
N PRO C 188 19.64 -2.39 -34.09
CA PRO C 188 21.08 -2.61 -34.19
C PRO C 188 21.41 -3.94 -33.49
N LEU C 189 22.54 -4.53 -33.89
CA LEU C 189 22.99 -5.79 -33.35
C LEU C 189 23.06 -5.80 -31.83
N ALA C 190 23.52 -4.69 -31.24
CA ALA C 190 23.63 -4.61 -29.80
C ALA C 190 22.28 -4.87 -29.11
N THR C 191 21.19 -4.35 -29.69
CA THR C 191 19.87 -4.57 -29.14
C THR C 191 19.42 -6.02 -29.32
N VAL C 192 19.77 -6.63 -30.47
CA VAL C 192 19.49 -8.02 -30.75
C VAL C 192 20.13 -8.91 -29.68
N GLN C 193 21.36 -8.58 -29.27
CA GLN C 193 22.02 -9.34 -28.24
C GLN C 193 21.39 -9.10 -26.86
N ALA C 194 21.04 -7.85 -26.58
CA ALA C 194 20.54 -7.48 -25.27
C ALA C 194 19.18 -8.13 -25.03
N GLN C 195 18.31 -8.10 -26.05
CA GLN C 195 17.01 -8.74 -25.98
C GLN C 195 17.01 -10.22 -26.34
N LYS C 196 18.18 -10.76 -26.70
CA LYS C 196 18.32 -12.16 -27.06
C LYS C 196 17.40 -12.61 -28.19
N PHE C 197 17.10 -11.70 -29.12
CA PHE C 197 16.29 -12.02 -30.28
C PHE C 197 16.97 -13.07 -31.16
N TYR C 198 18.27 -13.29 -30.97
CA TYR C 198 18.97 -14.32 -31.72
C TYR C 198 18.52 -15.73 -31.34
N GLU C 199 18.00 -15.90 -30.11
CA GLU C 199 17.44 -17.17 -29.70
C GLU C 199 16.21 -17.55 -30.52
N VAL C 200 15.45 -16.56 -30.97
CA VAL C 200 14.18 -16.80 -31.66
C VAL C 200 14.11 -16.22 -33.09
N GLN C 201 15.27 -16.10 -33.76
CA GLN C 201 15.39 -15.68 -35.15
C GLN C 201 16.53 -16.47 -35.81
N LYS C 202 16.30 -17.07 -36.97
CA LYS C 202 17.26 -17.97 -37.58
C LYS C 202 18.10 -17.18 -38.60
N TYR C 203 17.64 -16.01 -38.98
CA TYR C 203 18.25 -15.27 -40.06
C TYR C 203 18.51 -13.82 -39.70
N LEU C 204 19.67 -13.32 -40.11
CA LEU C 204 20.06 -11.92 -39.96
C LEU C 204 20.51 -11.43 -41.34
N ALA C 205 19.94 -10.28 -41.75
CA ALA C 205 20.28 -9.67 -43.01
C ALA C 205 20.89 -8.27 -42.82
N ILE C 206 22.03 -8.02 -43.48
CA ILE C 206 22.67 -6.73 -43.38
C ILE C 206 22.03 -5.78 -44.40
N THR C 207 20.98 -5.09 -43.92
CA THR C 207 20.21 -4.16 -44.70
C THR C 207 20.71 -2.72 -44.60
N ASN C 208 21.44 -2.42 -43.51
CA ASN C 208 22.01 -1.10 -43.23
C ASN C 208 21.05 0.05 -43.51
N HIS C 209 19.80 -0.08 -43.08
CA HIS C 209 18.79 0.81 -43.60
C HIS C 209 18.76 2.15 -42.87
N ILE C 210 19.14 2.14 -41.59
CA ILE C 210 19.17 3.37 -40.83
C ILE C 210 20.35 3.37 -39.86
N LEU C 211 21.05 4.51 -39.82
CA LEU C 211 22.24 4.65 -39.00
C LEU C 211 21.93 5.50 -37.78
N ASN C 212 22.34 5.07 -36.59
CA ASN C 212 22.16 5.90 -35.40
C ASN C 212 23.48 6.60 -35.02
N ASP C 213 23.39 7.90 -34.71
CA ASP C 213 24.52 8.59 -34.08
C ASP C 213 24.10 9.05 -32.69
N GLN C 214 25.03 9.58 -31.91
CA GLN C 214 24.72 10.10 -30.59
C GLN C 214 25.54 11.37 -30.41
N LEU C 215 24.88 12.46 -30.04
CA LEU C 215 25.54 13.75 -29.82
C LEU C 215 25.75 13.92 -28.33
N TYR C 216 27.00 14.20 -27.92
CA TYR C 216 27.32 14.61 -26.56
C TYR C 216 26.96 16.09 -26.44
N LEU C 217 25.96 16.40 -25.62
CA LEU C 217 25.45 17.75 -25.51
C LEU C 217 25.68 18.27 -24.10
N VAL C 218 25.96 19.57 -23.98
CA VAL C 218 26.04 20.24 -22.70
C VAL C 218 25.17 21.48 -22.77
N SER C 219 24.52 21.81 -21.63
CA SER C 219 23.82 23.07 -21.47
C SER C 219 24.76 24.25 -21.71
N SER C 220 24.35 25.18 -22.58
CA SER C 220 25.14 26.37 -22.88
C SER C 220 25.33 27.22 -21.63
N GLU C 221 24.29 27.25 -20.78
CA GLU C 221 24.38 27.96 -19.53
C GLU C 221 25.48 27.33 -18.70
N THR C 222 25.43 26.02 -18.49
CA THR C 222 26.43 25.38 -17.65
C THR C 222 27.85 25.63 -18.18
N PHE C 223 28.01 25.50 -19.49
CA PHE C 223 29.31 25.49 -20.12
C PHE C 223 29.96 26.88 -20.08
N ALA C 224 29.12 27.90 -20.25
CA ALA C 224 29.53 29.29 -20.18
C ALA C 224 29.96 29.68 -18.77
N ASP C 225 29.37 29.05 -17.76
CA ASP C 225 29.71 29.30 -16.37
C ASP C 225 31.01 28.62 -15.95
N LEU C 226 31.53 27.69 -16.76
CA LEU C 226 32.79 27.05 -16.44
C LEU C 226 33.96 27.93 -16.85
N PRO C 227 35.04 28.05 -16.04
CA PRO C 227 36.24 28.77 -16.48
C PRO C 227 36.85 28.09 -17.72
N GLU C 228 37.55 28.87 -18.54
CA GLU C 228 37.99 28.38 -19.84
C GLU C 228 38.84 27.10 -19.78
N ASP C 229 39.60 26.90 -18.71
CA ASP C 229 40.44 25.71 -18.62
C ASP C 229 39.61 24.46 -18.36
N LEU C 230 38.51 24.61 -17.61
CA LEU C 230 37.56 23.54 -17.38
C LEU C 230 36.71 23.25 -18.61
N GLN C 231 36.37 24.29 -19.39
CA GLN C 231 35.76 24.06 -20.69
C GLN C 231 36.62 23.15 -21.55
N LYS C 232 37.92 23.38 -21.57
CA LYS C 232 38.80 22.56 -22.40
C LYS C 232 38.83 21.11 -21.91
N VAL C 233 38.81 20.92 -20.59
CA VAL C 233 38.84 19.58 -20.04
C VAL C 233 37.60 18.82 -20.52
N VAL C 234 36.41 19.44 -20.37
CA VAL C 234 35.19 18.71 -20.64
C VAL C 234 35.07 18.49 -22.15
N LYS C 235 35.46 19.46 -22.96
CA LYS C 235 35.45 19.31 -24.41
C LYS C 235 36.36 18.16 -24.85
N LYS C 236 37.58 18.10 -24.31
CA LYS C 236 38.52 17.07 -24.70
C LYS C 236 38.06 15.68 -24.25
N ALA C 237 37.49 15.61 -23.04
CA ALA C 237 36.99 14.35 -22.52
C ALA C 237 35.80 13.83 -23.33
N ALA C 238 34.94 14.74 -23.77
CA ALA C 238 33.85 14.41 -24.65
C ALA C 238 34.34 13.83 -25.98
N GLN C 239 35.43 14.37 -26.52
CA GLN C 239 35.95 13.87 -27.78
C GLN C 239 36.54 12.48 -27.59
N LYS C 240 37.15 12.27 -26.43
CA LYS C 240 37.80 11.01 -26.10
C LYS C 240 36.74 9.94 -25.89
N ALA C 241 35.70 10.30 -25.12
CA ALA C 241 34.57 9.42 -24.88
C ALA C 241 33.90 9.03 -26.19
N ALA C 242 33.65 9.99 -27.08
CA ALA C 242 32.99 9.70 -28.34
C ALA C 242 33.81 8.76 -29.21
N GLU C 243 35.14 8.82 -29.17
CA GLU C 243 35.91 7.86 -29.93
C GLU C 243 35.76 6.47 -29.34
N TYR C 244 35.72 6.37 -28.01
CA TYR C 244 35.51 5.10 -27.33
C TYR C 244 34.12 4.54 -27.66
N HIS C 245 33.13 5.42 -27.56
CA HIS C 245 31.73 5.13 -27.86
C HIS C 245 31.63 4.51 -29.24
N THR C 246 32.19 5.19 -30.23
CA THR C 246 32.21 4.68 -31.59
C THR C 246 32.88 3.31 -31.68
N LYS C 247 33.97 3.11 -30.96
CA LYS C 247 34.74 1.89 -31.08
C LYS C 247 33.93 0.73 -30.52
N LEU C 248 33.16 0.96 -29.44
CA LEU C 248 32.36 -0.10 -28.84
C LEU C 248 31.36 -0.63 -29.86
N PHE C 249 30.70 0.26 -30.60
CA PHE C 249 29.73 -0.16 -31.59
C PHE C 249 30.39 -0.81 -32.80
N VAL C 250 31.53 -0.29 -33.24
CA VAL C 250 32.14 -0.83 -34.43
C VAL C 250 32.67 -2.24 -34.15
N ASP C 251 33.36 -2.39 -33.01
CA ASP C 251 33.94 -3.65 -32.59
C ASP C 251 32.83 -4.65 -32.27
N GLY C 252 31.85 -4.21 -31.48
CA GLY C 252 30.63 -4.95 -31.23
C GLY C 252 29.96 -5.52 -32.48
N GLU C 253 29.95 -4.77 -33.58
CA GLU C 253 29.27 -5.23 -34.76
C GLU C 253 29.98 -6.41 -35.44
N LYS C 254 31.32 -6.44 -35.40
CA LYS C 254 32.06 -7.55 -35.97
C LYS C 254 31.97 -8.78 -35.06
N GLU C 255 32.14 -8.54 -33.76
CA GLU C 255 32.18 -9.64 -32.80
C GLU C 255 30.82 -10.32 -32.79
N LEU C 256 29.75 -9.54 -32.82
CA LEU C 256 28.41 -10.07 -32.66
C LEU C 256 27.98 -10.97 -33.81
N VAL C 257 28.44 -10.66 -35.02
CA VAL C 257 28.14 -11.49 -36.18
C VAL C 257 28.70 -12.88 -35.91
N THR C 258 29.96 -12.95 -35.50
CA THR C 258 30.56 -14.23 -35.14
C THR C 258 29.75 -14.95 -34.06
N PHE C 259 29.32 -14.19 -33.06
CA PHE C 259 28.62 -14.76 -31.93
C PHE C 259 27.31 -15.39 -32.37
N PHE C 260 26.54 -14.66 -33.19
CA PHE C 260 25.28 -15.12 -33.73
C PHE C 260 25.46 -16.35 -34.62
N GLU C 261 26.50 -16.36 -35.44
CA GLU C 261 26.75 -17.51 -36.30
C GLU C 261 27.05 -18.72 -35.42
N LYS C 262 27.75 -18.49 -34.31
CA LYS C 262 28.03 -19.55 -33.37
C LYS C 262 26.72 -20.10 -32.78
N GLN C 263 25.73 -19.22 -32.56
CA GLN C 263 24.44 -19.59 -32.01
C GLN C 263 23.43 -20.11 -33.03
N GLY C 264 23.86 -20.35 -34.27
CA GLY C 264 22.98 -20.95 -35.26
C GLY C 264 22.34 -20.01 -36.27
N VAL C 265 22.49 -18.69 -36.08
CA VAL C 265 21.96 -17.71 -37.03
C VAL C 265 22.72 -17.73 -38.35
N THR C 266 21.99 -17.58 -39.47
CA THR C 266 22.56 -17.48 -40.79
C THR C 266 22.52 -16.03 -41.23
N VAL C 267 23.68 -15.49 -41.66
CA VAL C 267 23.79 -14.07 -41.96
C VAL C 267 23.83 -13.85 -43.47
N THR C 268 22.96 -12.98 -43.99
CA THR C 268 22.93 -12.70 -45.41
C THR C 268 23.30 -11.24 -45.69
N HIS C 269 23.75 -11.00 -46.93
CA HIS C 269 24.18 -9.70 -47.39
C HIS C 269 23.44 -9.35 -48.67
N PRO C 270 22.12 -9.06 -48.59
CA PRO C 270 21.35 -8.73 -49.78
C PRO C 270 21.90 -7.49 -50.46
N ASP C 271 21.72 -7.43 -51.80
CA ASP C 271 22.05 -6.30 -52.64
C ASP C 271 21.12 -5.16 -52.27
N LEU C 272 21.70 -4.03 -51.90
CA LEU C 272 20.96 -2.97 -51.28
C LEU C 272 20.53 -1.92 -52.29
N THR C 273 20.99 -2.02 -53.55
CA THR C 273 20.64 -0.96 -54.49
C THR C 273 19.14 -1.03 -54.80
N PRO C 274 18.46 -2.20 -54.94
CA PRO C 274 17.00 -2.25 -54.96
C PRO C 274 16.29 -1.65 -53.75
N PHE C 275 16.85 -1.87 -52.54
CA PHE C 275 16.31 -1.29 -51.32
C PHE C 275 16.40 0.25 -51.35
N LYS C 276 17.56 0.81 -51.70
CA LYS C 276 17.69 2.26 -51.86
C LYS C 276 16.67 2.77 -52.86
N ASP C 277 16.63 2.16 -54.05
CA ASP C 277 15.71 2.57 -55.10
C ASP C 277 14.25 2.54 -54.65
N ALA C 278 13.87 1.56 -53.81
CA ALA C 278 12.51 1.51 -53.30
C ALA C 278 12.11 2.69 -52.42
N MET C 279 13.09 3.42 -51.86
CA MET C 279 12.79 4.54 -50.98
C MET C 279 12.49 5.88 -51.67
N LYS C 280 12.80 5.98 -52.96
CA LYS C 280 12.65 7.23 -53.68
C LYS C 280 11.29 7.89 -53.42
N PRO C 281 10.15 7.18 -53.57
CA PRO C 281 8.84 7.80 -53.32
C PRO C 281 8.64 8.28 -51.88
N TYR C 282 9.36 7.66 -50.94
CA TYR C 282 9.33 8.14 -49.57
C TYR C 282 10.09 9.47 -49.42
N TYR C 283 11.23 9.60 -50.11
CA TYR C 283 11.96 10.85 -50.16
C TYR C 283 11.06 11.93 -50.73
N ALA C 284 10.29 11.60 -51.77
CA ALA C 284 9.34 12.55 -52.32
C ALA C 284 8.31 12.99 -51.28
N GLU C 285 7.91 12.08 -50.40
CA GLU C 285 6.94 12.40 -49.36
C GLU C 285 7.57 13.30 -48.31
N PHE C 286 8.84 13.06 -48.00
CA PHE C 286 9.62 13.89 -47.10
C PHE C 286 9.63 15.34 -47.59
N VAL C 287 9.90 15.53 -48.88
CA VAL C 287 9.95 16.85 -49.48
C VAL C 287 8.57 17.48 -49.52
N LYS C 288 7.56 16.67 -49.85
CA LYS C 288 6.20 17.18 -49.89
C LYS C 288 5.82 17.74 -48.52
N GLN C 289 6.35 17.15 -47.45
CA GLN C 289 6.09 17.59 -46.08
C GLN C 289 6.98 18.73 -45.61
N THR C 290 8.27 18.73 -45.96
CA THR C 290 9.21 19.73 -45.45
C THR C 290 9.49 20.88 -46.40
N GLY C 291 9.00 20.75 -47.64
CA GLY C 291 9.05 21.83 -48.62
C GLY C 291 10.43 22.09 -49.23
N ALA C 292 10.61 23.30 -49.74
CA ALA C 292 11.87 23.74 -50.33
C ALA C 292 13.05 23.47 -49.40
N LYS C 293 12.87 23.67 -48.09
CA LYS C 293 13.94 23.47 -47.13
C LYS C 293 14.41 22.01 -47.09
N GLY C 294 13.45 21.09 -47.13
CA GLY C 294 13.76 19.67 -47.12
C GLY C 294 14.44 19.22 -48.41
N GLU C 295 14.01 19.78 -49.55
CA GLU C 295 14.65 19.49 -50.81
C GLU C 295 16.10 19.95 -50.78
N GLU C 296 16.35 21.18 -50.32
CA GLU C 296 17.68 21.72 -50.17
C GLU C 296 18.57 20.80 -49.33
N VAL C 297 18.06 20.39 -48.17
CA VAL C 297 18.81 19.51 -47.28
C VAL C 297 19.14 18.15 -47.87
N LEU C 298 18.20 17.61 -48.64
CA LEU C 298 18.39 16.30 -49.24
C LEU C 298 19.45 16.38 -50.33
N LYS C 299 19.42 17.45 -51.14
CA LYS C 299 20.46 17.73 -52.11
C LYS C 299 21.84 17.81 -51.47
N GLN C 300 21.96 18.52 -50.34
CA GLN C 300 23.24 18.72 -49.69
C GLN C 300 23.81 17.37 -49.24
N ILE C 301 22.97 16.52 -48.68
CA ILE C 301 23.44 15.23 -48.19
C ILE C 301 23.78 14.26 -49.32
N GLN C 302 22.99 14.30 -50.40
CA GLN C 302 23.25 13.42 -51.53
C GLN C 302 24.47 13.90 -52.31
N ALA C 303 24.80 15.18 -52.18
CA ALA C 303 26.00 15.74 -52.77
C ALA C 303 27.28 15.30 -52.06
N ILE C 304 27.19 14.77 -50.83
CA ILE C 304 28.36 14.12 -50.25
C ILE C 304 28.56 12.77 -50.93
N ASN C 305 29.69 12.65 -51.63
CA ASN C 305 29.94 11.54 -52.56
C ASN C 305 30.28 10.25 -51.81
N LYS C 306 30.57 10.35 -50.50
CA LYS C 306 30.98 9.22 -49.66
C LYS C 306 29.94 8.07 -49.63
N ALA D 1 -16.34 -67.76 -15.01
CA ALA D 1 -16.61 -66.46 -15.59
C ALA D 1 -15.81 -65.34 -14.91
N GLU D 2 -14.65 -65.01 -15.48
CA GLU D 2 -14.04 -63.70 -15.27
C GLU D 2 -15.04 -62.65 -15.72
N TYR D 3 -15.24 -61.63 -14.90
CA TYR D 3 -15.88 -60.41 -15.35
C TYR D 3 -14.86 -59.29 -15.18
N ASP D 4 -14.42 -58.70 -16.30
CA ASP D 4 -13.44 -57.63 -16.29
C ASP D 4 -14.18 -56.30 -16.51
N LEU D 5 -14.49 -55.59 -15.42
CA LEU D 5 -15.45 -54.50 -15.48
C LEU D 5 -14.81 -53.12 -15.29
N LYS D 6 -15.51 -52.09 -15.77
CA LYS D 6 -15.03 -50.72 -15.76
C LYS D 6 -15.92 -49.76 -14.99
N PHE D 7 -15.28 -48.89 -14.19
CA PHE D 7 -15.93 -47.87 -13.37
C PHE D 7 -15.34 -46.50 -13.72
N GLY D 8 -16.14 -45.61 -14.31
CA GLY D 8 -15.69 -44.26 -14.54
C GLY D 8 -16.31 -43.23 -13.61
N MET D 9 -15.59 -42.12 -13.37
CA MET D 9 -16.07 -41.02 -12.53
C MET D 9 -15.44 -39.70 -12.97
N ASN D 10 -16.01 -38.57 -12.52
CA ASN D 10 -15.41 -37.27 -12.73
C ASN D 10 -14.28 -36.97 -11.76
N ALA D 11 -14.39 -37.45 -10.53
CA ALA D 11 -13.43 -37.15 -9.49
C ALA D 11 -12.07 -37.71 -9.85
N GLY D 12 -11.02 -37.12 -9.26
CA GLY D 12 -9.64 -37.50 -9.56
C GLY D 12 -9.08 -38.47 -8.55
N THR D 13 -7.83 -38.89 -8.75
CA THR D 13 -7.26 -39.95 -7.95
C THR D 13 -6.99 -39.55 -6.50
N SER D 14 -6.95 -38.25 -6.20
CA SER D 14 -6.76 -37.84 -4.81
C SER D 14 -8.06 -37.58 -4.05
N SER D 15 -9.21 -37.80 -4.68
CA SER D 15 -10.48 -37.51 -4.06
C SER D 15 -10.93 -38.61 -3.10
N ASN D 16 -11.86 -38.25 -2.21
CA ASN D 16 -12.58 -39.20 -1.39
C ASN D 16 -13.35 -40.20 -2.24
N GLU D 17 -14.01 -39.71 -3.29
CA GLU D 17 -14.77 -40.58 -4.19
C GLU D 17 -13.91 -41.72 -4.71
N TYR D 18 -12.69 -41.38 -5.11
CA TYR D 18 -11.79 -42.37 -5.66
C TYR D 18 -11.36 -43.38 -4.61
N LYS D 19 -11.13 -42.92 -3.37
CA LYS D 19 -10.73 -43.82 -2.30
C LYS D 19 -11.85 -44.81 -2.01
N ALA D 20 -13.08 -44.31 -2.01
CA ALA D 20 -14.26 -45.14 -1.77
C ALA D 20 -14.41 -46.18 -2.88
N ALA D 21 -14.15 -45.77 -4.12
CA ALA D 21 -14.27 -46.66 -5.27
C ALA D 21 -13.12 -47.67 -5.30
N GLU D 22 -11.97 -47.32 -4.70
CA GLU D 22 -10.90 -48.29 -4.54
C GLU D 22 -11.31 -49.37 -3.56
N MET D 23 -11.97 -48.97 -2.46
CA MET D 23 -12.47 -49.93 -1.48
C MET D 23 -13.51 -50.85 -2.13
N PHE D 24 -14.45 -50.26 -2.87
CA PHE D 24 -15.43 -51.01 -3.63
C PHE D 24 -14.81 -52.05 -4.55
N ALA D 25 -13.79 -51.68 -5.31
CA ALA D 25 -13.13 -52.60 -6.22
C ALA D 25 -12.39 -53.71 -5.48
N LYS D 26 -11.75 -53.35 -4.37
CA LYS D 26 -11.05 -54.32 -3.54
C LYS D 26 -12.04 -55.32 -2.93
N GLU D 27 -13.12 -54.80 -2.35
CA GLU D 27 -14.14 -55.62 -1.70
C GLU D 27 -14.74 -56.63 -2.68
N VAL D 28 -15.12 -56.16 -3.87
CA VAL D 28 -15.73 -57.02 -4.87
C VAL D 28 -14.76 -58.08 -5.35
N LYS D 29 -13.47 -57.74 -5.52
CA LYS D 29 -12.48 -58.72 -5.92
C LYS D 29 -12.36 -59.84 -4.89
N GLU D 30 -12.19 -59.44 -3.63
CA GLU D 30 -12.04 -60.37 -2.52
C GLU D 30 -13.28 -61.24 -2.33
N LYS D 31 -14.44 -60.62 -2.12
CA LYS D 31 -15.67 -61.30 -1.77
C LYS D 31 -16.28 -62.09 -2.93
N SER D 32 -15.75 -61.92 -4.15
CA SER D 32 -16.19 -62.70 -5.30
C SER D 32 -15.16 -63.75 -5.67
N ASN D 33 -14.20 -64.00 -4.76
CA ASN D 33 -13.08 -64.89 -4.99
C ASN D 33 -12.47 -64.67 -6.38
N GLY D 34 -12.17 -63.41 -6.71
CA GLY D 34 -11.47 -63.07 -7.93
C GLY D 34 -12.26 -63.27 -9.22
N LYS D 35 -13.58 -63.45 -9.11
CA LYS D 35 -14.39 -63.63 -10.31
C LYS D 35 -14.58 -62.29 -11.01
N ILE D 36 -14.61 -61.20 -10.22
CA ILE D 36 -14.88 -59.88 -10.76
C ILE D 36 -13.71 -58.94 -10.44
N GLU D 37 -13.15 -58.31 -11.47
CA GLU D 37 -12.11 -57.30 -11.33
C GLU D 37 -12.65 -55.96 -11.84
N ILE D 38 -12.53 -54.91 -11.04
CA ILE D 38 -13.04 -53.61 -11.46
C ILE D 38 -11.91 -52.60 -11.67
N SER D 39 -11.72 -52.16 -12.91
CA SER D 39 -10.79 -51.09 -13.24
C SER D 39 -11.40 -49.70 -13.11
N LEU D 40 -10.67 -48.77 -12.50
CA LEU D 40 -11.15 -47.40 -12.31
C LEU D 40 -10.64 -46.40 -13.36
N TYR D 41 -11.56 -45.59 -13.90
CA TYR D 41 -11.27 -44.55 -14.89
C TYR D 41 -11.72 -43.19 -14.37
N PRO D 42 -10.82 -42.51 -13.61
CA PRO D 42 -11.12 -41.21 -13.01
C PRO D 42 -10.93 -39.99 -13.93
N SER D 43 -11.30 -38.83 -13.40
CA SER D 43 -11.07 -37.55 -14.04
C SER D 43 -11.70 -37.51 -15.43
N SER D 44 -12.89 -38.08 -15.57
CA SER D 44 -13.64 -38.04 -16.81
C SER D 44 -12.89 -38.62 -18.01
N GLN D 45 -11.97 -39.55 -17.78
CA GLN D 45 -11.30 -40.20 -18.89
C GLN D 45 -12.25 -40.80 -19.93
N LEU D 46 -13.39 -41.35 -19.48
CA LEU D 46 -14.27 -42.06 -20.40
C LEU D 46 -15.48 -41.23 -20.74
N GLY D 47 -15.43 -39.93 -20.45
CA GLY D 47 -16.47 -39.00 -20.82
C GLY D 47 -16.95 -38.23 -19.60
N ASP D 48 -17.77 -37.19 -19.84
CA ASP D 48 -18.50 -36.50 -18.79
C ASP D 48 -19.61 -37.39 -18.26
N ASP D 49 -20.23 -36.98 -17.17
CA ASP D 49 -21.28 -37.82 -16.58
C ASP D 49 -22.43 -38.12 -17.57
N ARG D 50 -22.83 -37.20 -18.47
CA ARG D 50 -23.89 -37.51 -19.42
C ARG D 50 -23.44 -38.70 -20.29
N ALA D 51 -22.20 -38.64 -20.77
CA ALA D 51 -21.66 -39.68 -21.63
C ALA D 51 -21.48 -41.01 -20.90
N MET D 52 -21.14 -40.94 -19.60
CA MET D 52 -20.92 -42.15 -18.82
C MET D 52 -22.25 -42.84 -18.51
N LEU D 53 -23.28 -42.05 -18.16
CA LEU D 53 -24.62 -42.59 -17.99
C LEU D 53 -25.14 -43.25 -19.27
N LYS D 54 -24.85 -42.64 -20.42
CA LYS D 54 -25.29 -43.21 -21.69
C LYS D 54 -24.59 -44.53 -21.98
N GLN D 55 -23.34 -44.66 -21.55
CA GLN D 55 -22.61 -45.90 -21.76
C GLN D 55 -23.07 -47.02 -20.83
N LEU D 56 -23.52 -46.67 -19.61
CA LEU D 56 -24.12 -47.63 -18.70
C LEU D 56 -25.37 -48.21 -19.35
N LYS D 57 -26.17 -47.32 -19.97
CA LYS D 57 -27.39 -47.72 -20.64
C LYS D 57 -27.12 -48.80 -21.68
N ASP D 58 -26.08 -48.62 -22.50
CA ASP D 58 -25.82 -49.54 -23.59
C ASP D 58 -24.92 -50.71 -23.19
N GLY D 59 -24.57 -50.80 -21.90
CA GLY D 59 -23.66 -51.82 -21.40
C GLY D 59 -22.19 -51.71 -21.86
N ALA D 60 -21.78 -50.53 -22.31
CA ALA D 60 -20.39 -50.28 -22.71
C ALA D 60 -19.50 -49.99 -21.49
N LEU D 61 -20.11 -49.55 -20.39
CA LEU D 61 -19.37 -49.21 -19.19
C LEU D 61 -20.19 -49.70 -18.01
N ASP D 62 -19.55 -50.32 -17.01
CA ASP D 62 -20.31 -51.11 -16.05
C ASP D 62 -20.79 -50.31 -14.84
N PHE D 63 -19.92 -49.44 -14.30
CA PHE D 63 -20.27 -48.62 -13.14
C PHE D 63 -19.96 -47.14 -13.38
N THR D 64 -20.69 -46.28 -12.67
CA THR D 64 -20.33 -44.88 -12.55
C THR D 64 -20.96 -44.22 -11.33
N PHE D 65 -20.48 -43.00 -11.04
CA PHE D 65 -21.05 -42.13 -10.04
C PHE D 65 -21.92 -41.06 -10.67
N ALA D 66 -22.98 -40.66 -9.97
CA ALA D 66 -23.77 -39.53 -10.39
C ALA D 66 -24.48 -38.93 -9.19
N GLU D 67 -24.70 -37.60 -9.22
CA GLU D 67 -25.46 -36.92 -8.19
C GLU D 67 -26.93 -37.14 -8.51
N SER D 68 -27.76 -37.25 -7.47
CA SER D 68 -29.20 -37.35 -7.68
C SER D 68 -29.72 -36.22 -8.54
N ALA D 69 -29.18 -35.01 -8.32
CA ALA D 69 -29.66 -33.83 -9.03
C ALA D 69 -29.37 -33.90 -10.54
N ARG D 70 -28.38 -34.70 -10.94
CA ARG D 70 -28.06 -34.84 -12.35
C ARG D 70 -29.16 -35.46 -13.21
N PHE D 71 -30.09 -36.18 -12.57
CA PHE D 71 -31.20 -36.76 -13.32
C PHE D 71 -32.18 -35.71 -13.81
N GLN D 72 -31.94 -34.44 -13.48
CA GLN D 72 -32.72 -33.36 -14.05
C GLN D 72 -32.51 -33.28 -15.56
N LEU D 73 -31.36 -33.76 -16.03
CA LEU D 73 -31.16 -33.98 -17.46
C LEU D 73 -32.31 -34.68 -18.16
N PHE D 74 -32.90 -35.67 -17.49
CA PHE D 74 -33.97 -36.48 -18.06
C PHE D 74 -35.34 -36.22 -17.47
N TYR D 75 -35.38 -35.90 -16.16
CA TYR D 75 -36.63 -35.65 -15.44
C TYR D 75 -36.49 -34.33 -14.69
N PRO D 76 -36.97 -33.19 -15.25
CA PRO D 76 -36.68 -31.86 -14.69
C PRO D 76 -36.90 -31.69 -13.19
N GLU D 77 -37.93 -32.33 -12.66
CA GLU D 77 -38.27 -32.17 -11.24
C GLU D 77 -37.18 -32.70 -10.31
N ALA D 78 -36.23 -33.48 -10.82
CA ALA D 78 -35.12 -33.95 -10.01
C ALA D 78 -34.11 -32.85 -9.66
N ALA D 79 -34.25 -31.67 -10.26
CA ALA D 79 -33.48 -30.52 -9.83
C ALA D 79 -33.75 -30.23 -8.34
N VAL D 80 -34.87 -30.71 -7.82
CA VAL D 80 -35.24 -30.47 -6.43
C VAL D 80 -34.10 -30.84 -5.49
N PHE D 81 -33.28 -31.82 -5.86
CA PHE D 81 -32.22 -32.29 -4.99
C PHE D 81 -31.12 -31.27 -4.75
N ALA D 82 -30.95 -30.30 -5.67
CA ALA D 82 -29.98 -29.23 -5.50
C ALA D 82 -30.54 -27.83 -5.27
N LEU D 83 -31.84 -27.70 -5.10
CA LEU D 83 -32.43 -26.40 -4.80
C LEU D 83 -31.92 -25.92 -3.45
N PRO D 84 -31.38 -24.70 -3.37
CA PRO D 84 -30.80 -24.26 -2.09
C PRO D 84 -31.78 -24.36 -0.94
N TYR D 85 -31.28 -24.95 0.16
CA TYR D 85 -31.99 -25.09 1.41
C TYR D 85 -33.23 -25.97 1.41
N VAL D 86 -33.44 -26.77 0.36
CA VAL D 86 -34.57 -27.69 0.36
C VAL D 86 -34.20 -28.98 1.09
N ILE D 87 -33.11 -29.60 0.67
CA ILE D 87 -32.55 -30.75 1.33
C ILE D 87 -31.68 -30.25 2.47
N THR D 88 -32.19 -30.27 3.70
CA THR D 88 -31.53 -29.58 4.80
C THR D 88 -30.28 -30.32 5.30
N ASN D 89 -30.23 -31.64 5.12
CA ASN D 89 -29.09 -32.42 5.57
C ASN D 89 -29.11 -33.82 4.94
N TYR D 90 -28.12 -34.66 5.21
CA TYR D 90 -28.01 -35.93 4.52
C TYR D 90 -29.12 -36.96 4.83
N GLU D 91 -29.63 -37.01 6.05
CA GLU D 91 -30.78 -37.86 6.36
C GLU D 91 -31.92 -37.53 5.38
N VAL D 92 -32.11 -36.25 5.06
CA VAL D 92 -33.17 -35.85 4.17
C VAL D 92 -32.91 -36.29 2.74
N ALA D 93 -31.67 -36.17 2.28
CA ALA D 93 -31.30 -36.63 0.96
C ALA D 93 -31.63 -38.11 0.78
N GLN D 94 -31.33 -38.90 1.81
CA GLN D 94 -31.63 -40.33 1.81
C GLN D 94 -33.12 -40.60 1.70
N LYS D 95 -33.92 -39.97 2.56
CA LYS D 95 -35.36 -40.15 2.56
C LYS D 95 -36.03 -39.61 1.30
N ALA D 96 -35.55 -38.48 0.80
CA ALA D 96 -36.11 -37.92 -0.42
C ALA D 96 -35.96 -38.89 -1.59
N LEU D 97 -34.82 -39.57 -1.68
CA LEU D 97 -34.62 -40.53 -2.73
C LEU D 97 -35.31 -41.88 -2.49
N HIS D 98 -35.29 -42.39 -1.26
CA HIS D 98 -35.69 -43.77 -1.00
C HIS D 98 -37.12 -43.92 -0.48
N ASP D 99 -37.59 -42.93 0.30
CA ASP D 99 -38.79 -43.07 1.11
C ASP D 99 -39.94 -42.15 0.72
N THR D 100 -39.91 -41.64 -0.50
CA THR D 100 -40.93 -40.74 -1.01
C THR D 100 -41.51 -41.41 -2.25
N ALA D 101 -42.71 -41.02 -2.66
CA ALA D 101 -43.33 -41.58 -3.86
C ALA D 101 -42.46 -41.24 -5.07
N PHE D 102 -42.20 -39.94 -5.21
CA PHE D 102 -41.37 -39.39 -6.27
C PHE D 102 -40.02 -40.10 -6.36
N GLY D 103 -39.37 -40.35 -5.21
CA GLY D 103 -38.08 -41.02 -5.21
C GLY D 103 -38.16 -42.46 -5.69
N LYS D 104 -39.11 -43.23 -5.15
CA LYS D 104 -39.33 -44.61 -5.57
C LYS D 104 -39.58 -44.71 -7.07
N ASP D 105 -40.37 -43.77 -7.59
CA ASP D 105 -40.67 -43.72 -9.01
C ASP D 105 -39.41 -43.41 -9.83
N LEU D 106 -38.56 -42.50 -9.33
CA LEU D 106 -37.38 -42.10 -10.04
C LEU D 106 -36.44 -43.29 -10.18
N ILE D 107 -36.27 -44.07 -9.11
CA ILE D 107 -35.41 -45.23 -9.15
C ILE D 107 -35.93 -46.23 -10.19
N GLN D 108 -37.25 -46.38 -10.27
CA GLN D 108 -37.86 -47.29 -11.23
C GLN D 108 -37.55 -46.84 -12.66
N LYS D 109 -37.70 -45.53 -12.93
CA LYS D 109 -37.46 -45.01 -14.26
C LYS D 109 -35.98 -45.09 -14.64
N MET D 110 -35.10 -44.89 -13.65
CA MET D 110 -33.68 -45.05 -13.84
C MET D 110 -33.42 -46.41 -14.47
N ASN D 111 -34.11 -47.43 -13.98
CA ASN D 111 -33.93 -48.77 -14.50
C ASN D 111 -34.69 -49.02 -15.80
N LYS D 112 -36.01 -48.81 -15.80
CA LYS D 112 -36.84 -49.10 -16.95
C LYS D 112 -36.47 -48.25 -18.17
N GLU D 113 -36.27 -46.96 -17.97
CA GLU D 113 -36.04 -46.05 -19.08
C GLU D 113 -34.56 -45.77 -19.33
N LEU D 114 -33.70 -45.82 -18.31
CA LEU D 114 -32.31 -45.41 -18.51
C LEU D 114 -31.26 -46.50 -18.33
N GLY D 115 -31.67 -47.71 -17.99
CA GLY D 115 -30.75 -48.83 -17.91
C GLY D 115 -29.80 -48.80 -16.72
N LEU D 116 -30.18 -48.10 -15.65
CA LEU D 116 -29.34 -47.89 -14.50
C LEU D 116 -29.91 -48.62 -13.29
N THR D 117 -29.04 -49.26 -12.51
CA THR D 117 -29.44 -49.88 -11.27
C THR D 117 -28.72 -49.17 -10.14
N LEU D 118 -29.52 -48.70 -9.17
CA LEU D 118 -29.02 -48.03 -8.00
C LEU D 118 -28.60 -49.03 -6.95
N LEU D 119 -27.31 -49.01 -6.57
CA LEU D 119 -26.78 -49.92 -5.56
C LEU D 119 -26.72 -49.28 -4.17
N SER D 120 -26.47 -47.96 -4.15
CA SER D 120 -26.05 -47.25 -2.98
C SER D 120 -26.05 -45.75 -3.12
N GLN D 121 -26.19 -45.06 -2.00
CA GLN D 121 -26.13 -43.61 -1.98
C GLN D 121 -25.11 -43.20 -0.91
N ALA D 122 -24.32 -42.16 -1.20
CA ALA D 122 -23.35 -41.66 -0.25
C ALA D 122 -23.40 -40.15 -0.12
N TYR D 123 -23.02 -39.64 1.05
CA TYR D 123 -22.84 -38.21 1.25
C TYR D 123 -21.57 -37.74 0.55
N ASN D 124 -21.65 -36.62 -0.17
CA ASN D 124 -20.50 -36.11 -0.90
C ASN D 124 -20.21 -34.64 -0.59
N GLY D 125 -20.51 -34.23 0.65
CA GLY D 125 -20.16 -32.93 1.18
C GLY D 125 -21.26 -31.88 1.03
N THR D 126 -21.29 -30.94 1.98
CA THR D 126 -22.17 -29.80 1.88
C THR D 126 -21.40 -28.59 1.34
N ARG D 127 -21.98 -27.88 0.38
CA ARG D 127 -21.44 -26.60 -0.05
C ARG D 127 -21.51 -25.51 1.03
N GLN D 128 -20.34 -24.87 1.24
CA GLN D 128 -20.19 -23.71 2.10
C GLN D 128 -19.69 -22.50 1.31
N THR D 129 -19.67 -21.33 1.97
CA THR D 129 -19.30 -20.08 1.32
C THR D 129 -18.03 -19.49 1.94
N THR D 130 -17.02 -19.28 1.10
CA THR D 130 -15.79 -18.62 1.51
C THR D 130 -15.81 -17.17 1.01
N SER D 131 -15.08 -16.29 1.71
CA SER D 131 -15.04 -14.88 1.35
C SER D 131 -13.77 -14.17 1.84
N ASN D 132 -13.54 -12.98 1.28
CA ASN D 132 -12.48 -12.08 1.73
C ASN D 132 -12.94 -11.13 2.84
N ARG D 133 -14.20 -11.27 3.27
CA ARG D 133 -14.74 -10.56 4.42
C ARG D 133 -15.83 -11.38 5.10
N ALA D 134 -16.10 -11.06 6.38
CA ALA D 134 -16.90 -11.94 7.21
C ALA D 134 -18.35 -11.93 6.78
N ILE D 135 -18.95 -13.14 6.75
CA ILE D 135 -20.38 -13.26 6.56
C ILE D 135 -20.99 -13.70 7.89
N ASN D 136 -21.51 -12.73 8.64
CA ASN D 136 -22.14 -12.97 9.93
C ASN D 136 -23.66 -13.01 9.80
N GLY D 137 -24.17 -12.67 8.62
CA GLY D 137 -25.60 -12.66 8.39
C GLY D 137 -25.89 -12.32 6.93
N ILE D 138 -27.14 -12.47 6.52
CA ILE D 138 -27.51 -12.31 5.14
C ILE D 138 -27.12 -10.91 4.67
N ALA D 139 -27.18 -9.90 5.55
CA ALA D 139 -26.85 -8.54 5.16
C ALA D 139 -25.48 -8.45 4.49
N ASP D 140 -24.49 -9.19 5.01
CA ASP D 140 -23.14 -9.14 4.49
C ASP D 140 -22.96 -9.67 3.07
N MET D 141 -23.98 -10.35 2.52
CA MET D 141 -23.92 -10.84 1.15
C MET D 141 -24.12 -9.70 0.14
N LYS D 142 -24.74 -8.60 0.56
CA LYS D 142 -25.00 -7.50 -0.35
C LYS D 142 -23.69 -7.05 -0.99
N GLY D 143 -23.62 -7.05 -2.32
CA GLY D 143 -22.42 -6.59 -3.01
C GLY D 143 -21.31 -7.64 -3.16
N LEU D 144 -21.39 -8.74 -2.42
CA LEU D 144 -20.36 -9.76 -2.44
C LEU D 144 -20.33 -10.36 -3.84
N LYS D 145 -19.18 -10.18 -4.51
CA LYS D 145 -18.98 -10.76 -5.84
C LYS D 145 -18.62 -12.22 -5.63
N LEU D 146 -19.60 -13.11 -5.86
CA LEU D 146 -19.49 -14.50 -5.45
C LEU D 146 -19.37 -15.41 -6.66
N ARG D 147 -18.20 -16.04 -6.79
CA ARG D 147 -17.97 -16.94 -7.89
C ARG D 147 -18.86 -18.17 -7.78
N VAL D 148 -19.50 -18.54 -8.89
CA VAL D 148 -20.27 -19.76 -8.95
C VAL D 148 -19.97 -20.49 -10.25
N PRO D 149 -20.15 -21.83 -10.28
CA PRO D 149 -20.11 -22.57 -11.54
C PRO D 149 -21.31 -22.13 -12.36
N ASN D 150 -21.19 -22.28 -13.68
CA ASN D 150 -22.25 -21.90 -14.59
C ASN D 150 -23.34 -22.98 -14.57
N ALA D 151 -24.22 -22.86 -13.58
CA ALA D 151 -25.23 -23.85 -13.24
C ALA D 151 -26.35 -23.14 -12.48
N ALA D 152 -27.59 -23.24 -13.00
CA ALA D 152 -28.69 -22.41 -12.55
C ALA D 152 -28.87 -22.39 -11.04
N THR D 153 -28.69 -23.54 -10.37
CA THR D 153 -29.00 -23.62 -8.96
C THR D 153 -27.99 -22.79 -8.14
N ASN D 154 -26.71 -22.83 -8.52
CA ASN D 154 -25.70 -22.07 -7.79
C ASN D 154 -25.85 -20.56 -8.03
N LEU D 155 -26.15 -20.21 -9.29
CA LEU D 155 -26.47 -18.84 -9.66
C LEU D 155 -27.63 -18.31 -8.83
N ALA D 156 -28.63 -19.15 -8.60
CA ALA D 156 -29.82 -18.74 -7.87
C ALA D 156 -29.52 -18.55 -6.39
N TYR D 157 -28.64 -19.38 -5.82
CA TYR D 157 -28.22 -19.19 -4.44
C TYR D 157 -27.68 -17.76 -4.31
N ALA D 158 -26.70 -17.42 -5.14
CA ALA D 158 -26.06 -16.13 -5.10
C ALA D 158 -27.07 -14.99 -5.29
N LYS D 159 -27.87 -15.12 -6.35
CA LYS D 159 -28.79 -14.05 -6.73
C LYS D 159 -29.80 -13.75 -5.63
N TYR D 160 -30.44 -14.79 -5.10
CA TYR D 160 -31.58 -14.56 -4.23
C TYR D 160 -31.17 -14.19 -2.81
N VAL D 161 -29.92 -14.48 -2.46
CA VAL D 161 -29.37 -14.12 -1.16
C VAL D 161 -28.89 -12.67 -1.19
N GLY D 162 -28.79 -12.06 -2.37
CA GLY D 162 -28.49 -10.63 -2.50
C GLY D 162 -27.04 -10.34 -2.89
N ALA D 163 -26.30 -11.38 -3.31
CA ALA D 163 -24.95 -11.23 -3.79
C ALA D 163 -24.96 -10.96 -5.29
N SER D 164 -23.76 -10.81 -5.87
CA SER D 164 -23.57 -10.58 -7.30
C SER D 164 -22.95 -11.84 -7.90
N PRO D 165 -23.78 -12.72 -8.50
CA PRO D 165 -23.26 -14.00 -8.98
C PRO D 165 -22.23 -13.76 -10.07
N THR D 166 -21.05 -14.34 -9.94
CA THR D 166 -20.01 -14.18 -10.96
C THR D 166 -19.65 -15.55 -11.51
N PRO D 167 -20.22 -15.98 -12.65
CA PRO D 167 -19.87 -17.29 -13.19
C PRO D 167 -18.42 -17.22 -13.65
N MET D 168 -17.67 -18.29 -13.43
CA MET D 168 -16.26 -18.31 -13.80
C MET D 168 -15.75 -19.75 -13.83
N ALA D 169 -14.87 -20.01 -14.80
CA ALA D 169 -14.25 -21.31 -15.00
C ALA D 169 -13.35 -21.70 -13.82
N PHE D 170 -13.56 -22.92 -13.33
CA PHE D 170 -12.92 -23.44 -12.12
C PHE D 170 -11.41 -23.19 -12.07
N SER D 171 -10.73 -23.48 -13.17
CA SER D 171 -9.29 -23.25 -13.32
C SER D 171 -8.79 -21.90 -12.84
N GLU D 172 -9.62 -20.85 -13.02
CA GLU D 172 -9.18 -19.48 -12.82
C GLU D 172 -9.45 -18.93 -11.42
N VAL D 173 -10.26 -19.68 -10.65
CA VAL D 173 -10.77 -19.20 -9.37
C VAL D 173 -9.66 -18.87 -8.37
N TYR D 174 -8.65 -19.76 -8.24
CA TYR D 174 -7.60 -19.52 -7.28
C TYR D 174 -7.03 -18.10 -7.45
N LEU D 175 -6.75 -17.72 -8.70
CA LEU D 175 -6.09 -16.46 -9.00
C LEU D 175 -7.01 -15.26 -8.77
N ALA D 176 -8.27 -15.42 -9.18
CA ALA D 176 -9.32 -14.43 -8.95
C ALA D 176 -9.47 -14.09 -7.47
N LEU D 177 -9.49 -15.11 -6.62
CA LEU D 177 -9.60 -14.91 -5.19
C LEU D 177 -8.36 -14.20 -4.66
N GLN D 178 -7.19 -14.65 -5.11
CA GLN D 178 -5.93 -14.10 -4.66
C GLN D 178 -5.83 -12.61 -4.94
N THR D 179 -6.31 -12.20 -6.13
CA THR D 179 -6.26 -10.81 -6.56
C THR D 179 -7.51 -10.00 -6.19
N ASN D 180 -8.44 -10.64 -5.48
CA ASN D 180 -9.75 -10.09 -5.16
C ASN D 180 -10.53 -9.57 -6.37
N SER D 181 -10.32 -10.17 -7.54
CA SER D 181 -11.23 -10.02 -8.67
C SER D 181 -12.64 -10.50 -8.32
N VAL D 182 -12.73 -11.55 -7.49
CA VAL D 182 -13.99 -11.94 -6.89
C VAL D 182 -13.79 -12.01 -5.38
N ASP D 183 -14.88 -11.79 -4.64
CA ASP D 183 -14.84 -11.76 -3.19
C ASP D 183 -14.99 -13.12 -2.51
N GLY D 184 -15.45 -14.13 -3.25
CA GLY D 184 -15.67 -15.44 -2.66
C GLY D 184 -16.08 -16.51 -3.67
N GLN D 185 -16.24 -17.73 -3.15
CA GLN D 185 -16.76 -18.85 -3.94
C GLN D 185 -17.51 -19.78 -3.00
N GLU D 186 -18.12 -20.82 -3.57
CA GLU D 186 -18.91 -21.73 -2.76
C GLU D 186 -18.73 -23.16 -3.24
N ASN D 187 -18.40 -24.05 -2.32
CA ASN D 187 -17.93 -25.39 -2.63
C ASN D 187 -17.86 -26.17 -1.33
N PRO D 188 -17.78 -27.51 -1.38
CA PRO D 188 -17.60 -28.26 -0.14
C PRO D 188 -16.16 -28.05 0.36
N LEU D 189 -15.97 -28.27 1.65
CA LEU D 189 -14.68 -28.07 2.27
C LEU D 189 -13.58 -28.90 1.61
N ALA D 190 -13.89 -30.12 1.20
CA ALA D 190 -12.91 -30.97 0.55
C ALA D 190 -12.32 -30.31 -0.70
N THR D 191 -13.17 -29.61 -1.48
CA THR D 191 -12.71 -28.90 -2.66
C THR D 191 -11.84 -27.69 -2.28
N VAL D 192 -12.22 -27.00 -1.19
CA VAL D 192 -11.47 -25.87 -0.67
C VAL D 192 -10.06 -26.31 -0.32
N GLN D 193 -9.91 -27.49 0.28
CA GLN D 193 -8.60 -28.00 0.60
C GLN D 193 -7.84 -28.43 -0.64
N ALA D 194 -8.53 -29.07 -1.59
CA ALA D 194 -7.89 -29.62 -2.77
C ALA D 194 -7.35 -28.47 -3.62
N GLN D 195 -8.15 -27.42 -3.81
CA GLN D 195 -7.72 -26.24 -4.55
C GLN D 195 -6.95 -25.20 -3.73
N LYS D 196 -6.74 -25.48 -2.44
CA LYS D 196 -6.03 -24.56 -1.56
C LYS D 196 -6.61 -23.16 -1.51
N PHE D 197 -7.94 -23.04 -1.67
CA PHE D 197 -8.62 -21.76 -1.55
C PHE D 197 -8.47 -21.17 -0.14
N TYR D 198 -8.06 -21.98 0.83
CA TYR D 198 -7.84 -21.48 2.17
C TYR D 198 -6.63 -20.54 2.25
N GLU D 199 -5.68 -20.72 1.34
CA GLU D 199 -4.54 -19.81 1.25
C GLU D 199 -4.96 -18.39 0.90
N VAL D 200 -6.03 -18.26 0.09
CA VAL D 200 -6.45 -16.97 -0.45
C VAL D 200 -7.87 -16.55 -0.06
N GLN D 201 -8.37 -17.03 1.10
CA GLN D 201 -9.65 -16.62 1.66
C GLN D 201 -9.50 -16.58 3.18
N LYS D 202 -9.95 -15.51 3.82
CA LYS D 202 -9.73 -15.37 5.25
C LYS D 202 -10.97 -15.81 6.01
N TYR D 203 -12.08 -15.96 5.30
CA TYR D 203 -13.33 -16.25 5.98
C TYR D 203 -14.07 -17.45 5.36
N LEU D 204 -14.63 -18.28 6.24
CA LEU D 204 -15.46 -19.41 5.88
C LEU D 204 -16.77 -19.27 6.65
N ALA D 205 -17.87 -19.36 5.91
CA ALA D 205 -19.21 -19.26 6.48
C ALA D 205 -20.01 -20.54 6.25
N ILE D 206 -20.59 -21.08 7.34
CA ILE D 206 -21.36 -22.30 7.23
C ILE D 206 -22.78 -21.96 6.80
N THR D 207 -22.95 -21.92 5.47
CA THR D 207 -24.21 -21.60 4.84
C THR D 207 -25.08 -22.81 4.54
N ASN D 208 -24.46 -24.00 4.46
CA ASN D 208 -25.11 -25.26 4.20
C ASN D 208 -26.17 -25.19 3.08
N HIS D 209 -25.85 -24.51 1.98
CA HIS D 209 -26.90 -24.12 1.07
C HIS D 209 -27.31 -25.24 0.12
N ILE D 210 -26.38 -26.14 -0.18
CA ILE D 210 -26.63 -27.21 -1.12
C ILE D 210 -25.82 -28.43 -0.70
N LEU D 211 -26.47 -29.58 -0.72
CA LEU D 211 -25.88 -30.81 -0.24
C LEU D 211 -25.61 -31.70 -1.44
N ASN D 212 -24.41 -32.28 -1.53
CA ASN D 212 -24.12 -33.23 -2.60
C ASN D 212 -24.21 -34.66 -2.11
N ASP D 213 -24.84 -35.51 -2.93
CA ASP D 213 -24.80 -36.95 -2.71
C ASP D 213 -24.09 -37.59 -3.90
N GLN D 214 -23.80 -38.88 -3.79
CA GLN D 214 -23.24 -39.64 -4.90
C GLN D 214 -23.97 -40.98 -4.96
N LEU D 215 -24.46 -41.35 -6.14
CA LEU D 215 -25.14 -42.63 -6.32
C LEU D 215 -24.16 -43.60 -6.96
N TYR D 216 -24.01 -44.78 -6.35
CA TYR D 216 -23.28 -45.90 -6.93
C TYR D 216 -24.21 -46.59 -7.93
N LEU D 217 -23.88 -46.50 -9.22
CA LEU D 217 -24.75 -47.00 -10.26
C LEU D 217 -24.05 -48.11 -11.02
N VAL D 218 -24.83 -49.10 -11.44
CA VAL D 218 -24.35 -50.19 -12.28
C VAL D 218 -25.30 -50.29 -13.47
N SER D 219 -24.72 -50.58 -14.64
CA SER D 219 -25.49 -50.89 -15.83
C SER D 219 -26.41 -52.08 -15.57
N SER D 220 -27.71 -51.91 -15.85
CA SER D 220 -28.69 -52.97 -15.67
C SER D 220 -28.35 -54.17 -16.55
N GLU D 221 -27.81 -53.90 -17.74
CA GLU D 221 -27.38 -54.98 -18.62
C GLU D 221 -26.28 -55.77 -17.92
N THR D 222 -25.23 -55.09 -17.45
CA THR D 222 -24.14 -55.82 -16.81
C THR D 222 -24.61 -56.63 -15.61
N PHE D 223 -25.48 -56.02 -14.80
CA PHE D 223 -25.89 -56.58 -13.52
C PHE D 223 -26.79 -57.78 -13.71
N ALA D 224 -27.64 -57.72 -14.73
CA ALA D 224 -28.52 -58.82 -15.09
C ALA D 224 -27.74 -60.03 -15.62
N ASP D 225 -26.58 -59.77 -16.22
CA ASP D 225 -25.72 -60.84 -16.72
C ASP D 225 -24.89 -61.49 -15.61
N LEU D 226 -24.87 -60.91 -14.41
CA LEU D 226 -24.18 -61.54 -13.30
C LEU D 226 -25.07 -62.59 -12.65
N PRO D 227 -24.53 -63.76 -12.25
CA PRO D 227 -25.32 -64.72 -11.46
C PRO D 227 -25.76 -64.13 -10.14
N GLU D 228 -26.86 -64.61 -9.57
CA GLU D 228 -27.47 -63.99 -8.41
C GLU D 228 -26.53 -63.87 -7.20
N ASP D 229 -25.58 -64.79 -7.03
CA ASP D 229 -24.68 -64.73 -5.89
C ASP D 229 -23.66 -63.60 -6.04
N LEU D 230 -23.26 -63.33 -7.29
CA LEU D 230 -22.39 -62.21 -7.60
C LEU D 230 -23.13 -60.88 -7.53
N GLN D 231 -24.40 -60.85 -7.92
CA GLN D 231 -25.23 -59.68 -7.66
C GLN D 231 -25.21 -59.28 -6.18
N LYS D 232 -25.33 -60.26 -5.29
CA LYS D 232 -25.33 -59.96 -3.86
C LYS D 232 -23.99 -59.41 -3.42
N VAL D 233 -22.89 -59.96 -3.98
CA VAL D 233 -21.57 -59.49 -3.59
C VAL D 233 -21.43 -58.01 -3.97
N VAL D 234 -21.80 -57.64 -5.21
CA VAL D 234 -21.53 -56.28 -5.64
C VAL D 234 -22.46 -55.32 -4.92
N LYS D 235 -23.71 -55.73 -4.70
CA LYS D 235 -24.65 -54.92 -3.92
C LYS D 235 -24.12 -54.63 -2.52
N LYS D 236 -23.65 -55.68 -1.82
CA LYS D 236 -23.20 -55.51 -0.46
C LYS D 236 -21.92 -54.69 -0.39
N ALA D 237 -21.03 -54.86 -1.36
CA ALA D 237 -19.79 -54.10 -1.41
C ALA D 237 -20.07 -52.62 -1.65
N ALA D 238 -21.04 -52.33 -2.53
CA ALA D 238 -21.48 -50.97 -2.75
C ALA D 238 -22.03 -50.33 -1.48
N GLN D 239 -22.76 -51.08 -0.65
CA GLN D 239 -23.31 -50.52 0.57
C GLN D 239 -22.20 -50.21 1.55
N LYS D 240 -21.17 -51.07 1.56
CA LYS D 240 -20.06 -50.94 2.47
C LYS D 240 -19.21 -49.74 2.05
N ALA D 241 -18.93 -49.64 0.74
CA ALA D 241 -18.21 -48.52 0.19
C ALA D 241 -18.92 -47.20 0.47
N ALA D 242 -20.24 -47.15 0.24
CA ALA D 242 -20.98 -45.93 0.49
C ALA D 242 -20.92 -45.49 1.94
N GLU D 243 -20.89 -46.42 2.90
CA GLU D 243 -20.76 -46.00 4.29
C GLU D 243 -19.38 -45.39 4.53
N TYR D 244 -18.35 -45.98 3.93
CA TYR D 244 -16.99 -45.45 4.02
C TYR D 244 -16.91 -44.06 3.38
N HIS D 245 -17.47 -43.97 2.17
CA HIS D 245 -17.54 -42.74 1.39
C HIS D 245 -18.14 -41.63 2.24
N THR D 246 -19.30 -41.90 2.84
CA THR D 246 -19.95 -40.94 3.71
C THR D 246 -19.06 -40.55 4.87
N LYS D 247 -18.35 -41.52 5.45
CA LYS D 247 -17.57 -41.25 6.65
C LYS D 247 -16.41 -40.33 6.31
N LEU D 248 -15.82 -40.51 5.13
CA LEU D 248 -14.71 -39.66 4.70
C LEU D 248 -15.13 -38.20 4.67
N PHE D 249 -16.31 -37.92 4.11
CA PHE D 249 -16.80 -36.57 4.03
C PHE D 249 -17.22 -36.00 5.38
N VAL D 250 -17.84 -36.82 6.23
CA VAL D 250 -18.31 -36.31 7.51
C VAL D 250 -17.13 -35.99 8.42
N ASP D 251 -16.17 -36.92 8.48
CA ASP D 251 -14.97 -36.79 9.28
C ASP D 251 -14.11 -35.65 8.75
N GLY D 252 -13.88 -35.64 7.43
CA GLY D 252 -13.24 -34.54 6.73
C GLY D 252 -13.81 -33.18 7.06
N GLU D 253 -15.12 -33.05 7.22
CA GLU D 253 -15.69 -31.73 7.46
C GLU D 253 -15.38 -31.19 8.86
N LYS D 254 -15.26 -32.06 9.86
CA LYS D 254 -14.91 -31.61 11.20
C LYS D 254 -13.42 -31.30 11.26
N GLU D 255 -12.61 -32.18 10.68
CA GLU D 255 -11.17 -32.07 10.74
C GLU D 255 -10.73 -30.80 10.02
N LEU D 256 -11.33 -30.57 8.86
CA LEU D 256 -10.92 -29.49 7.99
C LEU D 256 -11.17 -28.12 8.60
N VAL D 257 -12.24 -27.97 9.40
CA VAL D 257 -12.52 -26.71 10.05
C VAL D 257 -11.33 -26.38 10.95
N THR D 258 -10.90 -27.34 11.76
CA THR D 258 -9.71 -27.14 12.58
C THR D 258 -8.49 -26.76 11.75
N PHE D 259 -8.32 -27.46 10.63
CA PHE D 259 -7.16 -27.25 9.78
C PHE D 259 -7.13 -25.82 9.24
N PHE D 260 -8.27 -25.36 8.74
CA PHE D 260 -8.42 -24.02 8.21
C PHE D 260 -8.18 -22.96 9.27
N GLU D 261 -8.70 -23.19 10.49
CA GLU D 261 -8.51 -22.25 11.58
C GLU D 261 -7.03 -22.17 11.90
N LYS D 262 -6.33 -23.31 11.83
CA LYS D 262 -4.91 -23.34 12.03
C LYS D 262 -4.21 -22.48 10.99
N GLN D 263 -4.71 -22.48 9.75
CA GLN D 263 -4.13 -21.70 8.65
C GLN D 263 -4.57 -20.25 8.61
N GLY D 264 -5.29 -19.76 9.63
CA GLY D 264 -5.66 -18.35 9.69
C GLY D 264 -7.07 -17.99 9.22
N VAL D 265 -7.83 -18.98 8.70
CA VAL D 265 -9.22 -18.76 8.34
C VAL D 265 -10.09 -18.57 9.58
N THR D 266 -11.06 -17.65 9.51
CA THR D 266 -12.00 -17.45 10.59
C THR D 266 -13.36 -17.97 10.11
N VAL D 267 -14.01 -18.75 10.98
CA VAL D 267 -15.21 -19.48 10.61
C VAL D 267 -16.44 -18.84 11.26
N THR D 268 -17.46 -18.52 10.45
CA THR D 268 -18.70 -17.96 10.96
C THR D 268 -19.87 -18.92 10.76
N HIS D 269 -20.89 -18.72 11.61
CA HIS D 269 -22.09 -19.53 11.62
C HIS D 269 -23.31 -18.62 11.51
N PRO D 270 -23.54 -18.00 10.35
CA PRO D 270 -24.69 -17.10 10.18
C PRO D 270 -26.00 -17.86 10.38
N ASP D 271 -27.01 -17.13 10.86
CA ASP D 271 -28.39 -17.60 10.97
C ASP D 271 -28.93 -17.82 9.58
N LEU D 272 -29.41 -19.04 9.33
CA LEU D 272 -29.72 -19.42 7.97
C LEU D 272 -31.19 -19.22 7.63
N THR D 273 -32.02 -18.87 8.63
CA THR D 273 -33.44 -18.79 8.35
C THR D 273 -33.74 -17.62 7.40
N PRO D 274 -33.07 -16.43 7.49
CA PRO D 274 -33.17 -15.43 6.40
C PRO D 274 -32.74 -15.91 5.01
N PHE D 275 -31.68 -16.74 4.95
CA PHE D 275 -31.24 -17.35 3.70
C PHE D 275 -32.30 -18.29 3.10
N LYS D 276 -32.87 -19.20 3.91
CA LYS D 276 -33.98 -20.04 3.47
C LYS D 276 -35.13 -19.18 2.95
N ASP D 277 -35.56 -18.20 3.76
CA ASP D 277 -36.65 -17.32 3.37
C ASP D 277 -36.42 -16.61 2.04
N ALA D 278 -35.15 -16.22 1.78
CA ALA D 278 -34.84 -15.56 0.52
C ALA D 278 -35.05 -16.43 -0.72
N MET D 279 -35.09 -17.76 -0.54
CA MET D 279 -35.23 -18.64 -1.69
C MET D 279 -36.65 -18.88 -2.18
N LYS D 280 -37.66 -18.49 -1.37
CA LYS D 280 -39.05 -18.78 -1.70
C LYS D 280 -39.38 -18.47 -3.16
N PRO D 281 -39.07 -17.25 -3.67
CA PRO D 281 -39.37 -16.89 -5.06
C PRO D 281 -38.69 -17.79 -6.09
N TYR D 282 -37.53 -18.33 -5.72
CA TYR D 282 -36.84 -19.27 -6.59
C TYR D 282 -37.58 -20.60 -6.67
N TYR D 283 -38.10 -21.08 -5.51
CA TYR D 283 -38.92 -22.27 -5.47
C TYR D 283 -40.14 -22.08 -6.37
N ALA D 284 -40.74 -20.91 -6.32
CA ALA D 284 -41.85 -20.60 -7.20
C ALA D 284 -41.46 -20.71 -8.68
N GLU D 285 -40.25 -20.30 -9.01
CA GLU D 285 -39.77 -20.35 -10.39
C GLU D 285 -39.54 -21.80 -10.81
N PHE D 286 -39.05 -22.61 -9.87
CA PHE D 286 -38.87 -24.04 -10.09
C PHE D 286 -40.19 -24.68 -10.48
N VAL D 287 -41.24 -24.38 -9.75
CA VAL D 287 -42.57 -24.94 -9.99
C VAL D 287 -43.12 -24.41 -11.31
N LYS D 288 -42.91 -23.12 -11.57
CA LYS D 288 -43.39 -22.55 -12.81
C LYS D 288 -42.77 -23.28 -14.00
N GLN D 289 -41.54 -23.77 -13.84
CA GLN D 289 -40.85 -24.52 -14.87
C GLN D 289 -41.19 -26.00 -14.92
N THR D 290 -41.33 -26.65 -13.75
CA THR D 290 -41.51 -28.09 -13.72
C THR D 290 -42.97 -28.55 -13.57
N GLY D 291 -43.85 -27.58 -13.29
CA GLY D 291 -45.28 -27.81 -13.21
C GLY D 291 -45.74 -28.57 -11.96
N ALA D 292 -46.91 -29.21 -12.11
CA ALA D 292 -47.51 -30.00 -11.05
C ALA D 292 -46.54 -31.00 -10.46
N LYS D 293 -45.67 -31.61 -11.27
CA LYS D 293 -44.72 -32.61 -10.80
C LYS D 293 -43.72 -32.01 -9.81
N GLY D 294 -43.23 -30.80 -10.12
CA GLY D 294 -42.30 -30.12 -9.23
C GLY D 294 -42.95 -29.72 -7.90
N GLU D 295 -44.20 -29.25 -7.99
CA GLU D 295 -44.94 -28.88 -6.79
C GLU D 295 -45.11 -30.11 -5.89
N GLU D 296 -45.55 -31.23 -6.50
CA GLU D 296 -45.72 -32.49 -5.80
C GLU D 296 -44.45 -32.92 -5.08
N VAL D 297 -43.31 -32.88 -5.79
CA VAL D 297 -42.06 -33.28 -5.17
C VAL D 297 -41.58 -32.35 -4.05
N LEU D 298 -41.88 -31.06 -4.13
CA LEU D 298 -41.52 -30.14 -3.06
C LEU D 298 -42.34 -30.44 -1.81
N LYS D 299 -43.65 -30.71 -2.00
CA LYS D 299 -44.52 -31.10 -0.91
C LYS D 299 -44.02 -32.37 -0.22
N GLN D 300 -43.60 -33.35 -1.00
CA GLN D 300 -43.17 -34.63 -0.46
C GLN D 300 -41.94 -34.43 0.41
N ILE D 301 -40.98 -33.61 -0.05
CA ILE D 301 -39.77 -33.38 0.72
C ILE D 301 -40.01 -32.54 1.97
N GLN D 302 -40.90 -31.56 1.88
CA GLN D 302 -41.23 -30.72 3.03
C GLN D 302 -42.05 -31.51 4.05
N ALA D 303 -42.72 -32.56 3.58
CA ALA D 303 -43.42 -33.47 4.47
C ALA D 303 -42.50 -34.38 5.27
N ILE D 304 -41.24 -34.51 4.88
CA ILE D 304 -40.22 -34.98 5.81
C ILE D 304 -39.65 -33.74 6.49
N ASN D 305 -39.95 -33.58 7.78
CA ASN D 305 -39.38 -32.55 8.65
C ASN D 305 -38.30 -31.64 8.07
N LYS D 306 -38.73 -30.67 7.24
CA LYS D 306 -37.87 -29.69 6.57
C LYS D 306 -36.86 -30.40 5.64
C ACT E . -12.63 14.54 -1.12
O ACT E . -12.07 13.42 -0.90
OXT ACT E . -12.73 15.41 -0.25
CH3 ACT E . -13.20 14.89 -2.53
C ACT F . 8.08 1.08 37.30
O ACT F . 7.50 0.24 36.59
OXT ACT F . 7.95 2.30 37.12
CH3 ACT F . 8.97 0.56 38.45
#